data_9HEN
#
_entry.id   9HEN
#
_cell.length_a   96.878
_cell.length_b   64.190
_cell.length_c   124.115
_cell.angle_alpha   90.000
_cell.angle_beta   107.744
_cell.angle_gamma   90.000
#
_symmetry.space_group_name_H-M   'P 1 21 1'
#
loop_
_entity.id
_entity.type
_entity.pdbx_description
1 polymer 'NADH-quinone oxidoreductase subunit E'
2 polymer 'NADH-quinone oxidoreductase subunit F'
3 non-polymer 'FE2/S2 (INORGANIC) CLUSTER'
4 non-polymer 'IRON/SULFUR CLUSTER'
5 non-polymer 'FLAVIN MONONUCLEOTIDE'
6 non-polymer NICOTINAMIDE-ADENINE-DINUCLEOTIDE
7 non-polymer 'SODIUM ION'
8 non-polymer (R,R)-2,3-BUTANEDIOL
9 non-polymer 'CHLORIDE ION'
10 water water
#
loop_
_entity_poly.entity_id
_entity_poly.type
_entity_poly.pdbx_seq_one_letter_code
_entity_poly.pdbx_strand_id
1 'polypeptide(L)'
;MFKTEFEFPEELKTKLQEHINYFPKKRQAILLCLHEIQNYYGYIPPESLKPLADMLELPLNHVEGVVAFYDMFDREDKAK
YRIRVCVSIPCHLMGTNKLLKALENILGIKPGEVTPDGKFKIVPVQCLGACSEAPMFMVNDDEYKFESEVQLNEILSRYT
;
A,C
2 'polypeptide(L)'
;MRSYPAIPRIYAETTLNMLLKRAKKPRVHSIDEYLKDGGYQALEKALNMSPEEIIDWVDKSTLRGRGGAGFPTGKKWKFA
VQNPGPRYFICNADESEPGTFKDRIIIERDPHLLIEGIIISSYAIGANEAYIYIRGEYPAGYYILRDAIEEAKKKGFLGK
NILGSGFDLEIYVARGAGAYICGEETALIESLEGKRGHPRLKPPYPVQKGLWGKPTVVNNVETIANVPFIISMGWEEYRY
IGPSDYAGPKLFPVSGKVKKPGVYELPMNTTLREVIFKYAGGTLGNKKVKAVFSGALDCFSSEELDIPMDYSPLGFGGTG
TVIVLTEEDDIVEAALKIAEFYEHETCGQCTPCRVGCYEQANLLEKIYKGEATEQDWEGFDFVNRNIQPTSICGLGAVAG
RLIRQTLEKFPEEWEKYRKKSASLPLAGHHHHHH
;
B,D
#
loop_
_chem_comp.id
_chem_comp.type
_chem_comp.name
_chem_comp.formula
BU3 non-polymer (R,R)-2,3-BUTANEDIOL 'C4 H10 O2'
CL non-polymer 'CHLORIDE ION' 'Cl -1'
FES non-polymer 'FE2/S2 (INORGANIC) CLUSTER' 'Fe2 S2'
FMN non-polymer 'FLAVIN MONONUCLEOTIDE' 'C17 H21 N4 O9 P'
NA non-polymer 'SODIUM ION' 'Na 1'
NAD non-polymer NICOTINAMIDE-ADENINE-DINUCLEOTIDE 'C21 H27 N7 O14 P2'
SF4 non-polymer 'IRON/SULFUR CLUSTER' 'Fe4 S4'
#
# COMPACT_ATOMS: atom_id res chain seq x y z
N MET A 1 20.63 12.78 33.17
CA MET A 1 21.00 12.23 31.83
C MET A 1 21.51 10.79 31.96
N PHE A 2 22.38 10.55 32.95
CA PHE A 2 22.92 9.22 33.22
C PHE A 2 21.79 8.24 33.53
N LYS A 3 21.97 6.99 33.06
CA LYS A 3 21.02 5.91 33.31
C LYS A 3 21.77 4.66 33.75
N THR A 4 21.16 3.89 34.67
CA THR A 4 21.74 2.65 35.17
C THR A 4 21.55 1.57 34.11
N GLU A 5 22.55 0.69 33.97
CA GLU A 5 22.46 -0.47 33.10
C GLU A 5 21.28 -1.32 33.55
N PHE A 6 20.68 -2.07 32.61
CA PHE A 6 19.46 -2.81 32.88
C PHE A 6 19.79 -4.21 33.37
N GLU A 7 19.11 -4.61 34.46
CA GLU A 7 19.17 -5.96 34.99
C GLU A 7 17.74 -6.40 35.35
N PHE A 8 17.48 -7.71 35.28
CA PHE A 8 16.22 -8.27 35.74
C PHE A 8 16.33 -8.52 37.24
N PRO A 9 15.33 -8.12 38.07
CA PRO A 9 15.30 -8.52 39.47
C PRO A 9 15.32 -10.05 39.53
N GLU A 10 15.61 -10.59 40.71
CA GLU A 10 15.92 -12.01 40.83
C GLU A 10 14.65 -12.85 40.69
N GLU A 11 13.54 -12.36 41.25
CA GLU A 11 12.27 -13.07 41.21
C GLU A 11 11.81 -13.28 39.75
N LEU A 12 11.92 -12.23 38.93
CA LEU A 12 11.55 -12.29 37.53
C LEU A 12 12.53 -13.19 36.77
N LYS A 13 13.83 -13.03 37.06
CA LYS A 13 14.86 -13.77 36.35
C LYS A 13 14.69 -15.27 36.55
N THR A 14 14.27 -15.68 37.76
CA THR A 14 14.07 -17.09 38.09
C THR A 14 13.00 -17.69 37.17
N LYS A 15 11.91 -16.95 36.97
CA LYS A 15 10.81 -17.40 36.12
C LYS A 15 11.28 -17.50 34.67
N LEU A 16 12.11 -16.55 34.22
CA LEU A 16 12.62 -16.56 32.86
C LEU A 16 13.49 -17.80 32.65
N GLN A 17 14.33 -18.14 33.63
CA GLN A 17 15.17 -19.33 33.55
C GLN A 17 14.31 -20.59 33.53
N GLU A 18 13.19 -20.57 34.26
CA GLU A 18 12.25 -21.68 34.30
C GLU A 18 11.70 -21.98 32.91
N HIS A 19 11.23 -20.93 32.21
CA HIS A 19 10.70 -21.04 30.86
C HIS A 19 11.77 -21.52 29.89
N ILE A 20 12.98 -20.99 30.06
CA ILE A 20 14.11 -21.31 29.21
C ILE A 20 14.53 -22.78 29.37
N ASN A 21 14.39 -23.32 30.59
CA ASN A 21 14.73 -24.70 30.86
C ASN A 21 13.58 -25.64 30.50
N TYR A 22 12.38 -25.10 30.26
CA TYR A 22 11.17 -25.89 30.10
C TYR A 22 11.20 -26.67 28.80
N PHE A 23 11.42 -25.98 27.67
CA PHE A 23 11.41 -26.63 26.36
C PHE A 23 12.74 -27.33 26.12
N PRO A 24 12.81 -28.30 25.16
CA PRO A 24 14.07 -28.93 24.79
C PRO A 24 15.16 -27.96 24.30
N LYS A 25 14.75 -26.88 23.61
CA LYS A 25 15.70 -25.87 23.18
C LYS A 25 15.30 -24.52 23.79
N LYS A 26 16.32 -23.72 24.15
CA LYS A 26 16.15 -22.50 24.90
C LYS A 26 15.32 -21.48 24.13
N ARG A 27 15.59 -21.35 22.82
CA ARG A 27 14.99 -20.30 22.01
C ARG A 27 13.49 -20.51 21.85
N GLN A 28 12.98 -21.70 22.19
CA GLN A 28 11.55 -21.97 22.11
C GLN A 28 10.79 -21.20 23.20
N ALA A 29 11.51 -20.73 24.23
CA ALA A 29 10.88 -20.07 25.36
C ALA A 29 10.62 -18.58 25.13
N ILE A 30 10.97 -18.06 23.95
CA ILE A 30 11.02 -16.62 23.72
C ILE A 30 9.69 -15.94 24.04
N LEU A 31 8.56 -16.53 23.62
CA LEU A 31 7.27 -15.87 23.78
C LEU A 31 6.83 -15.92 25.25
N LEU A 32 7.10 -17.04 25.93
CA LEU A 32 6.76 -17.18 27.34
C LEU A 32 7.51 -16.12 28.15
N CYS A 33 8.78 -15.90 27.81
CA CYS A 33 9.62 -14.90 28.44
C CYS A 33 9.05 -13.50 28.23
N LEU A 34 8.68 -13.19 26.99
CA LEU A 34 8.17 -11.86 26.66
C LEU A 34 6.84 -11.62 27.38
N HIS A 35 5.97 -12.64 27.44
CA HIS A 35 4.73 -12.54 28.19
C HIS A 35 5.02 -12.23 29.66
N GLU A 36 6.07 -12.89 30.20
CA GLU A 36 6.42 -12.78 31.60
C GLU A 36 6.95 -11.38 31.90
N ILE A 37 7.79 -10.86 30.99
CA ILE A 37 8.37 -9.54 31.14
C ILE A 37 7.27 -8.48 31.11
N GLN A 38 6.32 -8.61 30.18
CA GLN A 38 5.32 -7.57 29.98
C GLN A 38 4.38 -7.49 31.18
N ASN A 39 4.04 -8.65 31.78
CA ASN A 39 3.19 -8.67 32.96
C ASN A 39 3.92 -8.07 34.17
N TYR A 40 5.25 -8.22 34.21
CA TYR A 40 6.05 -7.79 35.35
C TYR A 40 6.23 -6.27 35.34
N TYR A 41 6.61 -5.70 34.18
CA TYR A 41 6.93 -4.29 34.07
C TYR A 41 5.73 -3.47 33.57
N GLY A 42 4.69 -4.16 33.07
CA GLY A 42 3.56 -3.47 32.46
C GLY A 42 3.84 -3.09 31.01
N TYR A 43 4.98 -3.59 30.47
CA TYR A 43 5.38 -3.37 29.09
C TYR A 43 6.69 -4.11 28.84
N ILE A 44 7.27 -3.94 27.64
CA ILE A 44 8.57 -4.50 27.33
C ILE A 44 9.61 -3.37 27.31
N PRO A 45 10.49 -3.25 28.33
CA PRO A 45 11.57 -2.28 28.27
C PRO A 45 12.50 -2.53 27.08
N PRO A 46 12.79 -1.53 26.23
CA PRO A 46 13.76 -1.69 25.15
C PRO A 46 15.10 -2.28 25.61
N GLU A 47 15.53 -1.90 26.82
CA GLU A 47 16.79 -2.36 27.39
C GLU A 47 16.76 -3.86 27.70
N SER A 48 15.55 -4.44 27.86
CA SER A 48 15.39 -5.80 28.35
C SER A 48 15.74 -6.85 27.29
N LEU A 49 15.74 -6.45 26.00
CA LEU A 49 15.89 -7.40 24.90
C LEU A 49 17.28 -8.02 24.91
N LYS A 50 18.32 -7.21 25.17
CA LYS A 50 19.70 -7.66 25.10
C LYS A 50 19.95 -8.75 26.14
N PRO A 51 19.62 -8.55 27.43
CA PRO A 51 19.78 -9.62 28.43
C PRO A 51 18.94 -10.86 28.14
N LEU A 52 17.71 -10.68 27.63
CA LEU A 52 16.85 -11.79 27.26
C LEU A 52 17.51 -12.63 26.15
N ALA A 53 18.05 -11.95 25.13
CA ALA A 53 18.70 -12.61 24.01
C ALA A 53 19.84 -13.52 24.49
N ASP A 54 20.60 -13.04 25.47
CA ASP A 54 21.73 -13.78 26.00
C ASP A 54 21.26 -15.04 26.72
N MET A 55 20.14 -14.92 27.45
CA MET A 55 19.54 -16.06 28.14
C MET A 55 18.99 -17.07 27.13
N LEU A 56 18.37 -16.57 26.05
CA LEU A 56 17.82 -17.40 24.98
C LEU A 56 18.93 -17.93 24.07
N GLU A 57 20.13 -17.32 24.17
CA GLU A 57 21.28 -17.65 23.33
C GLU A 57 20.94 -17.36 21.87
N LEU A 58 20.35 -16.17 21.64
CA LEU A 58 19.97 -15.71 20.31
C LEU A 58 20.65 -14.38 20.02
N PRO A 59 20.83 -14.01 18.72
CA PRO A 59 21.22 -12.65 18.36
C PRO A 59 20.12 -11.66 18.73
N LEU A 60 20.51 -10.43 19.08
CA LEU A 60 19.57 -9.41 19.52
C LEU A 60 18.54 -9.11 18.42
N ASN A 61 18.99 -9.06 17.16
CA ASN A 61 18.13 -8.68 16.05
C ASN A 61 16.99 -9.68 15.88
N HIS A 62 17.27 -10.97 16.16
CA HIS A 62 16.26 -12.01 16.16
C HIS A 62 15.12 -11.65 17.13
N VAL A 63 15.49 -11.38 18.38
CA VAL A 63 14.55 -11.03 19.43
C VAL A 63 13.79 -9.75 19.04
N GLU A 64 14.50 -8.78 18.44
CA GLU A 64 13.90 -7.52 18.03
C GLU A 64 12.82 -7.77 16.98
N GLY A 65 13.11 -8.64 16.01
CA GLY A 65 12.16 -9.00 14.96
C GLY A 65 10.92 -9.71 15.52
N VAL A 66 11.11 -10.55 16.53
CA VAL A 66 10.03 -11.25 17.19
C VAL A 66 9.12 -10.27 17.92
N VAL A 67 9.71 -9.33 18.71
CA VAL A 67 8.94 -8.36 19.46
C VAL A 67 8.14 -7.47 18.52
N ALA A 68 8.75 -7.09 17.38
CA ALA A 68 8.12 -6.22 16.40
C ALA A 68 6.95 -6.93 15.74
N PHE A 69 7.12 -8.22 15.42
CA PHE A 69 6.10 -9.01 14.74
C PHE A 69 4.84 -9.14 15.59
N TYR A 70 5.03 -9.41 16.89
CA TYR A 70 3.90 -9.53 17.81
C TYR A 70 3.66 -8.18 18.47
N ASP A 71 2.80 -7.35 17.85
CA ASP A 71 2.62 -5.96 18.23
C ASP A 71 1.94 -5.84 19.60
N MET A 72 1.27 -6.92 20.05
CA MET A 72 0.67 -6.92 21.37
C MET A 72 1.73 -6.59 22.43
N PHE A 73 2.95 -7.10 22.23
CA PHE A 73 4.07 -6.72 23.08
C PHE A 73 4.36 -5.25 22.82
N ASP A 74 4.38 -4.46 23.89
CA ASP A 74 4.35 -3.01 23.75
C ASP A 74 5.62 -2.41 24.34
N ARG A 75 6.47 -1.87 23.46
CA ARG A 75 7.72 -1.25 23.87
C ARG A 75 7.50 0.23 24.18
N GLU A 76 6.38 0.82 23.72
CA GLU A 76 6.17 2.27 23.81
C GLU A 76 5.54 2.69 25.13
N ASP A 77 4.54 1.94 25.61
CA ASP A 77 3.73 2.39 26.73
C ASP A 77 3.82 1.43 27.90
N LYS A 78 3.87 2.00 29.11
CA LYS A 78 3.87 1.25 30.36
C LYS A 78 2.47 1.34 30.97
N ALA A 79 1.88 0.17 31.28
CA ALA A 79 0.56 0.11 31.88
C ALA A 79 0.45 -1.16 32.72
N LYS A 80 0.05 -1.01 33.98
CA LYS A 80 -0.01 -2.11 34.93
C LYS A 80 -1.06 -3.13 34.47
N TYR A 81 -2.22 -2.64 34.04
CA TYR A 81 -3.33 -3.48 33.60
C TYR A 81 -3.73 -3.10 32.18
N ARG A 82 -3.72 -4.09 31.28
CA ARG A 82 -4.14 -3.91 29.90
C ARG A 82 -5.58 -4.39 29.74
N ILE A 83 -6.47 -3.47 29.35
CA ILE A 83 -7.86 -3.79 29.07
C ILE A 83 -7.97 -4.08 27.58
N ARG A 84 -7.97 -5.37 27.22
CA ARG A 84 -8.12 -5.77 25.83
C ARG A 84 -9.60 -5.84 25.51
N VAL A 85 -10.03 -5.02 24.54
CA VAL A 85 -11.44 -4.93 24.17
C VAL A 85 -11.60 -5.52 22.77
N CYS A 86 -12.47 -6.53 22.67
CA CYS A 86 -12.78 -7.13 21.38
C CYS A 86 -13.54 -6.12 20.52
N VAL A 87 -12.97 -5.82 19.34
CA VAL A 87 -13.60 -4.91 18.38
C VAL A 87 -13.96 -5.70 17.12
N SER A 88 -14.32 -6.98 17.28
CA SER A 88 -14.58 -7.84 16.14
C SER A 88 -16.06 -8.18 16.08
N ILE A 89 -16.40 -9.04 15.11
CA ILE A 89 -17.75 -9.51 14.89
C ILE A 89 -17.84 -10.92 15.46
N PRO A 90 -18.93 -11.28 16.19
CA PRO A 90 -20.10 -10.42 16.37
C PRO A 90 -20.20 -9.53 17.61
N CYS A 91 -19.09 -9.23 18.27
CA CYS A 91 -19.14 -8.38 19.45
C CYS A 91 -19.73 -7.00 19.09
N HIS A 92 -19.43 -6.51 17.87
CA HIS A 92 -19.89 -5.20 17.43
C HIS A 92 -21.42 -5.13 17.42
N LEU A 93 -22.09 -6.29 17.25
CA LEU A 93 -23.54 -6.35 17.22
C LEU A 93 -24.12 -6.36 18.63
N MET A 94 -23.32 -6.75 19.64
CA MET A 94 -23.84 -7.00 20.97
C MET A 94 -23.44 -5.90 21.97
N GLY A 95 -22.78 -4.84 21.49
CA GLY A 95 -22.63 -3.62 22.27
C GLY A 95 -21.19 -3.29 22.67
N THR A 96 -20.21 -3.52 21.78
CA THR A 96 -18.85 -3.08 22.03
C THR A 96 -18.82 -1.57 22.23
N ASN A 97 -19.64 -0.84 21.47
CA ASN A 97 -19.73 0.61 21.58
C ASN A 97 -20.07 1.02 23.02
N LYS A 98 -21.05 0.34 23.64
CA LYS A 98 -21.47 0.63 25.01
C LYS A 98 -20.30 0.45 25.97
N LEU A 99 -19.54 -0.64 25.78
CA LEU A 99 -18.40 -0.95 26.63
C LEU A 99 -17.34 0.15 26.51
N LEU A 100 -17.01 0.51 25.26
CA LEU A 100 -16.00 1.54 25.00
C LEU A 100 -16.42 2.85 25.67
N LYS A 101 -17.70 3.21 25.52
CA LYS A 101 -18.25 4.42 26.10
C LYS A 101 -18.13 4.37 27.63
N ALA A 102 -18.49 3.23 28.23
CA ALA A 102 -18.41 3.07 29.67
C ALA A 102 -16.96 3.17 30.15
N LEU A 103 -16.02 2.60 29.37
CA LEU A 103 -14.61 2.71 29.69
C LEU A 103 -14.16 4.17 29.66
N GLU A 104 -14.65 4.92 28.65
CA GLU A 104 -14.31 6.32 28.49
C GLU A 104 -14.89 7.12 29.66
N ASN A 105 -16.13 6.81 30.05
CA ASN A 105 -16.78 7.46 31.18
C ASN A 105 -15.99 7.23 32.47
N ILE A 106 -15.58 5.98 32.73
CA ILE A 106 -14.99 5.61 34.01
C ILE A 106 -13.53 6.07 34.08
N LEU A 107 -12.74 5.77 33.03
CA LEU A 107 -11.30 5.97 33.06
C LEU A 107 -10.89 7.24 32.31
N GLY A 108 -11.74 7.71 31.38
CA GLY A 108 -11.52 8.96 30.67
C GLY A 108 -10.54 8.80 29.51
N ILE A 109 -10.50 7.60 28.92
CA ILE A 109 -9.56 7.30 27.85
C ILE A 109 -10.26 6.49 26.75
N LYS A 110 -9.66 6.56 25.56
CA LYS A 110 -10.17 5.96 24.34
C LYS A 110 -9.24 4.81 23.96
N PRO A 111 -9.64 3.89 23.05
CA PRO A 111 -8.75 2.80 22.61
C PRO A 111 -7.35 3.26 22.21
N GLY A 112 -6.33 2.57 22.73
CA GLY A 112 -4.94 2.85 22.40
C GLY A 112 -4.30 3.87 23.33
N GLU A 113 -5.05 4.37 24.32
CA GLU A 113 -4.58 5.40 25.21
C GLU A 113 -4.28 4.81 26.59
N VAL A 114 -3.39 5.47 27.33
CA VAL A 114 -3.03 5.09 28.68
C VAL A 114 -3.46 6.20 29.62
N THR A 115 -3.89 5.82 30.84
CA THR A 115 -4.23 6.79 31.87
C THR A 115 -2.96 7.55 32.27
N PRO A 116 -3.09 8.83 32.68
CA PRO A 116 -1.92 9.59 33.13
C PRO A 116 -1.25 8.92 34.33
N ASP A 117 -2.10 8.32 35.20
CA ASP A 117 -1.64 7.49 36.30
C ASP A 117 -0.71 6.40 35.78
N GLY A 118 -1.08 5.78 34.67
CA GLY A 118 -0.25 4.80 33.99
C GLY A 118 -0.60 3.37 34.38
N LYS A 119 -1.81 3.18 34.93
CA LYS A 119 -2.20 1.87 35.43
C LYS A 119 -3.08 1.13 34.42
N PHE A 120 -3.85 1.86 33.60
CA PHE A 120 -4.80 1.25 32.66
C PHE A 120 -4.53 1.71 31.23
N LYS A 121 -4.47 0.74 30.30
CA LYS A 121 -4.43 1.03 28.87
C LYS A 121 -5.48 0.18 28.15
N ILE A 122 -6.28 0.81 27.29
CA ILE A 122 -7.25 0.11 26.46
C ILE A 122 -6.56 -0.29 25.15
N VAL A 123 -6.55 -1.60 24.88
CA VAL A 123 -5.97 -2.16 23.67
C VAL A 123 -7.10 -2.77 22.83
N PRO A 124 -7.40 -2.27 21.62
CA PRO A 124 -8.39 -2.92 20.76
C PRO A 124 -7.80 -4.20 20.17
N VAL A 125 -8.52 -5.32 20.29
CA VAL A 125 -8.05 -6.61 19.82
C VAL A 125 -9.12 -7.26 18.94
N GLN A 126 -8.69 -8.23 18.14
CA GLN A 126 -9.59 -9.07 17.37
C GLN A 126 -10.20 -10.13 18.29
N CYS A 127 -11.13 -10.93 17.73
CA CYS A 127 -11.96 -11.88 18.46
C CYS A 127 -11.20 -12.62 19.55
N LEU A 128 -11.78 -12.61 20.76
CA LEU A 128 -11.17 -13.19 21.95
C LEU A 128 -11.62 -14.64 22.16
N GLY A 129 -12.46 -15.16 21.26
CA GLY A 129 -12.95 -16.52 21.35
C GLY A 129 -13.92 -16.71 22.53
N ALA A 130 -14.78 -15.71 22.74
CA ALA A 130 -15.80 -15.75 23.78
C ALA A 130 -17.09 -15.12 23.25
N CYS A 131 -17.35 -15.35 21.95
CA CYS A 131 -18.30 -14.58 21.17
C CYS A 131 -19.74 -14.77 21.66
N SER A 132 -20.04 -15.97 22.18
CA SER A 132 -21.36 -16.26 22.70
C SER A 132 -21.71 -15.33 23.87
N GLU A 133 -20.67 -14.83 24.56
CA GLU A 133 -20.85 -13.97 25.72
C GLU A 133 -20.44 -12.52 25.42
N ALA A 134 -20.70 -12.07 24.19
CA ALA A 134 -20.34 -10.72 23.78
C ALA A 134 -21.24 -9.70 24.46
N PRO A 135 -20.81 -8.43 24.62
CA PRO A 135 -19.46 -7.99 24.24
C PRO A 135 -18.39 -8.42 25.24
N MET A 136 -17.14 -8.59 24.78
CA MET A 136 -16.10 -9.22 25.57
C MET A 136 -14.88 -8.31 25.71
N PHE A 137 -14.23 -8.41 26.88
CA PHE A 137 -12.97 -7.73 27.14
C PHE A 137 -12.16 -8.51 28.17
N MET A 138 -10.87 -8.17 28.26
CA MET A 138 -9.96 -8.77 29.23
C MET A 138 -9.27 -7.67 30.05
N VAL A 139 -8.99 -7.97 31.32
CA VAL A 139 -8.11 -7.16 32.14
C VAL A 139 -6.90 -8.03 32.47
N ASN A 140 -5.76 -7.75 31.83
CA ASN A 140 -4.63 -8.68 31.86
C ASN A 140 -5.16 -10.06 31.48
N ASP A 141 -4.96 -11.07 32.35
CA ASP A 141 -5.29 -12.45 32.04
C ASP A 141 -6.76 -12.75 32.32
N ASP A 142 -7.41 -11.95 33.16
CA ASP A 142 -8.82 -12.15 33.49
C ASP A 142 -9.68 -11.68 32.33
N GLU A 143 -10.80 -12.39 32.12
CA GLU A 143 -11.69 -12.13 30.99
C GLU A 143 -13.14 -12.10 31.47
N TYR A 144 -13.90 -11.12 30.98
CA TYR A 144 -15.25 -10.87 31.44
C TYR A 144 -16.14 -10.44 30.28
N LYS A 145 -17.45 -10.70 30.43
CA LYS A 145 -18.48 -10.11 29.59
C LYS A 145 -18.96 -8.80 30.19
N PHE A 146 -19.15 -7.79 29.33
CA PHE A 146 -19.66 -6.50 29.75
C PHE A 146 -21.18 -6.53 29.81
N GLU A 147 -21.73 -6.07 30.95
CA GLU A 147 -23.17 -6.01 31.19
C GLU A 147 -23.62 -4.55 31.22
N SER A 148 -23.01 -3.75 32.11
CA SER A 148 -23.40 -2.37 32.36
C SER A 148 -22.23 -1.58 32.92
N GLU A 149 -22.38 -0.24 32.92
CA GLU A 149 -21.34 0.67 33.40
C GLU A 149 -21.03 0.40 34.87
N VAL A 150 -22.07 0.22 35.70
CA VAL A 150 -21.88 -0.02 37.12
C VAL A 150 -21.18 -1.38 37.31
N GLN A 151 -21.55 -2.37 36.51
CA GLN A 151 -20.94 -3.70 36.56
C GLN A 151 -19.46 -3.61 36.19
N LEU A 152 -19.17 -2.84 35.12
CA LEU A 152 -17.80 -2.64 34.66
C LEU A 152 -16.96 -1.96 35.73
N ASN A 153 -17.54 -0.95 36.38
CA ASN A 153 -16.83 -0.13 37.36
C ASN A 153 -16.38 -1.00 38.54
N GLU A 154 -17.26 -1.91 38.98
CA GLU A 154 -16.98 -2.80 40.09
C GLU A 154 -15.83 -3.73 39.72
N ILE A 155 -15.83 -4.27 38.49
CA ILE A 155 -14.79 -5.18 38.04
C ILE A 155 -13.43 -4.47 38.08
N LEU A 156 -13.39 -3.24 37.53
CA LEU A 156 -12.15 -2.47 37.43
C LEU A 156 -11.61 -2.12 38.81
N SER A 157 -12.49 -1.93 39.80
CA SER A 157 -12.07 -1.57 41.14
C SER A 157 -11.21 -2.66 41.78
N ARG A 158 -11.30 -3.90 41.26
CA ARG A 158 -10.53 -5.01 41.80
C ARG A 158 -9.05 -4.90 41.45
N TYR A 159 -8.69 -4.09 40.45
CA TYR A 159 -7.30 -3.93 40.03
C TYR A 159 -6.75 -2.63 40.60
N THR A 160 -5.69 -2.73 41.45
CA THR A 160 -5.13 -1.59 42.15
C THR A 160 -3.61 -1.72 42.24
N SER B 3 -7.15 -22.26 41.22
CA SER B 3 -7.23 -20.78 41.09
C SER B 3 -6.68 -20.36 39.73
N TYR B 4 -7.58 -20.12 38.76
CA TYR B 4 -7.21 -19.70 37.43
C TYR B 4 -7.78 -18.31 37.14
N PRO B 5 -7.26 -17.59 36.12
CA PRO B 5 -7.85 -16.33 35.69
C PRO B 5 -9.31 -16.50 35.31
N ALA B 6 -10.10 -15.45 35.52
CA ALA B 6 -11.53 -15.48 35.23
C ALA B 6 -11.75 -15.72 33.74
N ILE B 7 -12.80 -16.51 33.44
CA ILE B 7 -13.22 -16.78 32.08
C ILE B 7 -14.74 -16.61 32.02
N PRO B 8 -15.33 -16.37 30.84
CA PRO B 8 -16.79 -16.25 30.73
C PRO B 8 -17.44 -17.63 30.85
N ARG B 9 -18.74 -17.63 31.12
CA ARG B 9 -19.49 -18.87 31.19
C ARG B 9 -20.15 -19.12 29.82
N ILE B 10 -19.46 -19.89 28.97
CA ILE B 10 -19.98 -20.23 27.66
C ILE B 10 -20.97 -21.39 27.80
N TYR B 11 -22.19 -21.19 27.30
CA TYR B 11 -23.22 -22.21 27.32
C TYR B 11 -22.84 -23.35 26.37
N ALA B 12 -23.06 -24.58 26.82
CA ALA B 12 -22.75 -25.77 26.03
C ALA B 12 -23.86 -26.81 26.18
N GLU B 13 -24.18 -27.48 25.06
CA GLU B 13 -25.27 -28.45 24.99
C GLU B 13 -24.86 -29.56 24.03
N THR B 14 -25.30 -30.80 24.29
CA THR B 14 -24.92 -31.94 23.46
C THR B 14 -26.11 -32.89 23.30
N THR B 15 -26.21 -33.50 22.11
CA THR B 15 -27.16 -34.58 21.86
C THR B 15 -26.43 -35.93 21.83
N LEU B 16 -25.09 -35.93 21.86
CA LEU B 16 -24.29 -37.13 21.68
C LEU B 16 -23.55 -37.52 22.95
N ASN B 17 -23.26 -36.53 23.82
CA ASN B 17 -22.67 -36.78 25.12
C ASN B 17 -21.29 -37.44 24.95
N MET B 18 -20.48 -36.88 24.04
CA MET B 18 -19.14 -37.39 23.79
C MET B 18 -18.12 -36.31 24.17
N LEU B 19 -17.83 -35.37 23.26
CA LEU B 19 -16.86 -34.32 23.53
C LEU B 19 -17.30 -33.41 24.68
N LEU B 20 -18.62 -33.26 24.89
CA LEU B 20 -19.14 -32.37 25.92
C LEU B 20 -19.78 -33.13 27.09
N LYS B 21 -19.46 -34.43 27.26
CA LYS B 21 -19.99 -35.19 28.38
C LYS B 21 -19.71 -34.49 29.71
N ARG B 22 -18.47 -34.00 29.86
CA ARG B 22 -18.06 -33.22 31.01
C ARG B 22 -18.03 -31.72 30.69
N ALA B 23 -17.64 -31.38 29.46
CA ALA B 23 -17.40 -29.98 29.08
C ALA B 23 -18.70 -29.20 28.89
N LYS B 24 -19.86 -29.85 29.06
CA LYS B 24 -21.12 -29.14 29.07
C LYS B 24 -21.32 -28.43 30.40
N LYS B 25 -20.58 -28.85 31.44
CA LYS B 25 -20.58 -28.17 32.72
C LYS B 25 -19.40 -27.19 32.75
N PRO B 26 -19.62 -25.90 33.08
CA PRO B 26 -18.54 -24.91 33.09
C PRO B 26 -17.63 -24.94 34.32
N ARG B 27 -16.76 -25.95 34.38
CA ARG B 27 -15.73 -26.03 35.41
C ARG B 27 -14.65 -27.01 34.96
N VAL B 28 -13.50 -26.99 35.66
CA VAL B 28 -12.37 -27.83 35.33
C VAL B 28 -12.63 -29.22 35.91
N HIS B 29 -12.59 -30.23 35.04
CA HIS B 29 -12.66 -31.63 35.46
C HIS B 29 -11.23 -32.15 35.60
N SER B 30 -10.84 -32.43 36.85
CA SER B 30 -9.48 -32.89 37.14
C SER B 30 -9.40 -34.40 36.96
N ILE B 31 -8.19 -34.96 37.14
CA ILE B 31 -7.88 -36.30 36.66
C ILE B 31 -8.69 -37.35 37.41
N ASP B 32 -8.93 -37.15 38.71
CA ASP B 32 -9.69 -38.10 39.51
C ASP B 32 -11.08 -38.28 38.90
N GLU B 33 -11.70 -37.16 38.53
CA GLU B 33 -13.05 -37.17 37.99
C GLU B 33 -13.05 -37.78 36.59
N TYR B 34 -11.98 -37.50 35.82
CA TYR B 34 -11.84 -38.03 34.47
C TYR B 34 -11.69 -39.56 34.52
N LEU B 35 -10.87 -40.04 35.45
CA LEU B 35 -10.61 -41.47 35.62
C LEU B 35 -11.91 -42.19 35.98
N LYS B 36 -12.74 -41.55 36.82
CA LYS B 36 -13.98 -42.14 37.29
C LYS B 36 -14.94 -42.38 36.13
N ASP B 37 -14.89 -41.51 35.11
CA ASP B 37 -15.73 -41.62 33.93
C ASP B 37 -15.13 -42.56 32.87
N GLY B 38 -14.08 -43.31 33.22
CA GLY B 38 -13.51 -44.29 32.32
C GLY B 38 -12.28 -43.76 31.58
N GLY B 39 -11.79 -42.58 31.99
CA GLY B 39 -10.68 -41.92 31.32
C GLY B 39 -9.38 -42.70 31.40
N TYR B 40 -8.55 -42.53 30.37
CA TYR B 40 -7.23 -43.12 30.22
C TYR B 40 -7.28 -44.63 29.98
N GLN B 41 -8.49 -45.21 29.85
CA GLN B 41 -8.61 -46.63 29.53
C GLN B 41 -8.34 -46.83 28.04
N ALA B 42 -8.80 -45.89 27.20
CA ALA B 42 -8.53 -45.94 25.77
C ALA B 42 -7.03 -45.91 25.48
N LEU B 43 -6.29 -45.12 26.28
CA LEU B 43 -4.83 -45.04 26.17
C LEU B 43 -4.22 -46.40 26.44
N GLU B 44 -4.69 -47.07 27.51
CA GLU B 44 -4.14 -48.34 27.91
C GLU B 44 -4.40 -49.39 26.83
N LYS B 45 -5.61 -49.37 26.28
CA LYS B 45 -5.98 -50.24 25.16
C LYS B 45 -5.11 -49.92 23.94
N ALA B 46 -4.85 -48.64 23.70
CA ALA B 46 -4.07 -48.23 22.54
C ALA B 46 -2.62 -48.72 22.64
N LEU B 47 -2.03 -48.65 23.83
CA LEU B 47 -0.65 -49.08 24.03
C LEU B 47 -0.51 -50.59 23.90
N ASN B 48 -1.63 -51.34 24.03
CA ASN B 48 -1.66 -52.77 23.79
C ASN B 48 -1.79 -53.08 22.29
N MET B 49 -2.14 -52.07 21.49
CA MET B 49 -2.17 -52.19 20.03
C MET B 49 -0.85 -51.68 19.45
N SER B 50 -0.62 -51.96 18.16
CA SER B 50 0.53 -51.43 17.45
C SER B 50 0.20 -50.04 16.92
N PRO B 51 1.21 -49.15 16.75
CA PRO B 51 1.00 -47.84 16.12
C PRO B 51 0.24 -47.92 14.80
N GLU B 52 0.61 -48.90 13.98
CA GLU B 52 0.05 -49.10 12.66
C GLU B 52 -1.45 -49.40 12.75
N GLU B 53 -1.85 -50.19 13.75
CA GLU B 53 -3.25 -50.53 13.97
C GLU B 53 -4.05 -49.28 14.33
N ILE B 54 -3.47 -48.38 15.14
CA ILE B 54 -4.17 -47.18 15.57
C ILE B 54 -4.38 -46.24 14.39
N ILE B 55 -3.35 -46.07 13.56
CA ILE B 55 -3.45 -45.26 12.34
C ILE B 55 -4.58 -45.82 11.48
N ASP B 56 -4.65 -47.15 11.38
CA ASP B 56 -5.65 -47.82 10.58
C ASP B 56 -7.07 -47.55 11.10
N TRP B 57 -7.28 -47.63 12.41
CA TRP B 57 -8.58 -47.37 13.02
C TRP B 57 -9.02 -45.94 12.76
N VAL B 58 -8.10 -44.98 12.93
CA VAL B 58 -8.40 -43.57 12.77
C VAL B 58 -8.72 -43.29 11.31
N ASP B 59 -8.02 -43.97 10.40
CA ASP B 59 -8.27 -43.89 8.98
C ASP B 59 -9.68 -44.37 8.67
N LYS B 60 -9.99 -45.60 9.11
CA LYS B 60 -11.26 -46.25 8.82
C LYS B 60 -12.43 -45.55 9.49
N SER B 61 -12.18 -44.79 10.57
CA SER B 61 -13.23 -44.04 11.24
C SER B 61 -13.78 -42.93 10.35
N THR B 62 -12.97 -42.48 9.36
CA THR B 62 -13.26 -41.40 8.43
C THR B 62 -13.20 -40.04 9.14
N LEU B 63 -12.57 -39.97 10.32
CA LEU B 63 -12.32 -38.71 11.00
C LEU B 63 -11.63 -37.72 10.06
N ARG B 64 -12.20 -36.51 9.97
CA ARG B 64 -11.61 -35.42 9.21
C ARG B 64 -11.21 -34.28 10.14
N GLY B 65 -10.23 -33.49 9.70
CA GLY B 65 -9.72 -32.36 10.46
C GLY B 65 -10.84 -31.40 10.85
N ARG B 66 -10.80 -30.96 12.12
CA ARG B 66 -11.83 -30.07 12.65
C ARG B 66 -11.34 -28.62 12.66
N GLY B 67 -10.16 -28.37 12.07
CA GLY B 67 -9.50 -27.08 12.12
C GLY B 67 -9.84 -26.19 10.93
N GLY B 68 -10.64 -26.68 9.98
CA GLY B 68 -11.15 -25.84 8.91
C GLY B 68 -11.06 -26.48 7.52
N ALA B 69 -9.97 -27.21 7.25
CA ALA B 69 -9.71 -27.72 5.91
C ALA B 69 -10.38 -29.07 5.67
N GLY B 70 -10.68 -29.80 6.75
CA GLY B 70 -11.41 -31.07 6.65
C GLY B 70 -10.59 -32.21 6.04
N PHE B 71 -9.26 -32.23 6.25
CA PHE B 71 -8.42 -33.25 5.66
C PHE B 71 -8.52 -34.55 6.47
N PRO B 72 -8.59 -35.74 5.81
CA PRO B 72 -8.68 -37.01 6.53
C PRO B 72 -7.49 -37.25 7.47
N THR B 73 -7.80 -37.49 8.75
CA THR B 73 -6.79 -37.49 9.79
C THR B 73 -5.88 -38.71 9.62
N GLY B 74 -6.50 -39.88 9.41
CA GLY B 74 -5.74 -41.11 9.22
C GLY B 74 -4.73 -40.99 8.07
N LYS B 75 -5.19 -40.41 6.96
CA LYS B 75 -4.36 -40.30 5.77
C LYS B 75 -3.19 -39.34 6.06
N LYS B 76 -3.45 -38.28 6.84
CA LYS B 76 -2.40 -37.37 7.25
C LYS B 76 -1.33 -38.10 8.04
N TRP B 77 -1.73 -38.95 9.00
CA TRP B 77 -0.78 -39.68 9.84
C TRP B 77 0.05 -40.66 9.01
N LYS B 78 -0.60 -41.29 8.03
CA LYS B 78 0.10 -42.24 7.17
C LYS B 78 1.19 -41.55 6.35
N PHE B 79 0.97 -40.28 5.97
CA PHE B 79 1.97 -39.53 5.23
C PHE B 79 3.20 -39.31 6.13
N ALA B 80 2.97 -39.03 7.42
CA ALA B 80 4.05 -38.77 8.36
C ALA B 80 4.91 -40.02 8.55
N VAL B 81 4.27 -41.17 8.72
CA VAL B 81 4.98 -42.38 9.09
C VAL B 81 5.69 -43.00 7.88
N GLN B 82 5.43 -42.51 6.66
N GLN B 82 5.41 -42.49 6.67
CA GLN B 82 6.14 -43.00 5.49
CA GLN B 82 6.10 -42.93 5.47
C GLN B 82 7.55 -42.39 5.46
C GLN B 82 7.53 -42.41 5.48
N ASN B 83 7.79 -41.37 6.29
CA ASN B 83 9.10 -40.73 6.38
C ASN B 83 9.79 -41.18 7.67
N PRO B 84 11.13 -41.40 7.64
CA PRO B 84 11.89 -41.78 8.84
C PRO B 84 11.81 -40.78 10.01
N GLY B 85 11.74 -41.33 11.22
CA GLY B 85 11.68 -40.54 12.45
C GLY B 85 13.06 -39.98 12.81
N PRO B 86 13.20 -39.19 13.89
CA PRO B 86 12.10 -38.89 14.82
C PRO B 86 11.01 -37.98 14.26
N ARG B 87 9.83 -38.05 14.89
CA ARG B 87 8.66 -37.32 14.45
C ARG B 87 8.05 -36.53 15.63
N TYR B 88 7.29 -35.48 15.29
CA TYR B 88 6.68 -34.61 16.27
C TYR B 88 5.18 -34.56 16.06
N PHE B 89 4.45 -34.38 17.17
CA PHE B 89 3.02 -34.20 17.15
C PHE B 89 2.69 -32.84 17.77
N ILE B 90 1.80 -32.09 17.10
CA ILE B 90 1.41 -30.77 17.56
C ILE B 90 -0.11 -30.68 17.60
N CYS B 91 -0.63 -30.31 18.77
CA CYS B 91 -2.02 -29.92 18.92
C CYS B 91 -2.15 -28.41 18.70
N ASN B 92 -2.99 -28.02 17.75
CA ASN B 92 -3.21 -26.63 17.39
C ASN B 92 -4.37 -26.06 18.20
N ALA B 93 -4.06 -25.17 19.14
CA ALA B 93 -5.07 -24.55 20.01
C ALA B 93 -5.05 -23.03 19.87
N ASP B 94 -4.80 -22.54 18.65
CA ASP B 94 -4.68 -21.10 18.39
C ASP B 94 -6.04 -20.44 18.24
N GLU B 95 -7.06 -21.22 17.83
CA GLU B 95 -8.45 -20.76 17.67
C GLU B 95 -8.58 -19.24 17.84
N SER B 96 -8.42 -18.48 16.75
CA SER B 96 -8.54 -17.02 16.81
C SER B 96 -9.43 -16.47 15.71
N GLU B 97 -10.21 -17.33 15.04
CA GLU B 97 -11.11 -16.89 13.99
C GLU B 97 -12.38 -16.32 14.64
N PRO B 98 -12.89 -15.15 14.16
CA PRO B 98 -14.17 -14.62 14.61
C PRO B 98 -15.27 -15.68 14.68
N GLY B 99 -15.94 -15.74 15.83
CA GLY B 99 -17.08 -16.63 16.01
C GLY B 99 -16.68 -17.99 16.59
N THR B 100 -15.38 -18.29 16.64
CA THR B 100 -14.92 -19.65 16.90
C THR B 100 -14.39 -19.76 18.33
N PHE B 101 -15.11 -20.52 19.16
CA PHE B 101 -14.76 -20.70 20.56
C PHE B 101 -15.05 -22.14 20.97
N LYS B 102 -14.97 -23.08 20.03
CA LYS B 102 -15.30 -24.46 20.30
C LYS B 102 -14.17 -25.15 21.06
N ASP B 103 -12.93 -24.82 20.70
CA ASP B 103 -11.77 -25.52 21.24
C ASP B 103 -11.56 -25.21 22.72
N ARG B 104 -11.85 -23.97 23.14
CA ARG B 104 -11.54 -23.52 24.48
C ARG B 104 -12.31 -24.30 25.55
N ILE B 105 -13.54 -24.74 25.25
CA ILE B 105 -14.34 -25.37 26.29
C ILE B 105 -13.83 -26.78 26.57
N ILE B 106 -13.22 -27.44 25.57
CA ILE B 106 -12.56 -28.72 25.79
C ILE B 106 -11.34 -28.50 26.67
N ILE B 107 -10.52 -27.51 26.30
CA ILE B 107 -9.26 -27.24 26.99
C ILE B 107 -9.52 -26.90 28.45
N GLU B 108 -10.48 -26.00 28.70
CA GLU B 108 -10.67 -25.42 30.02
C GLU B 108 -11.51 -26.32 30.93
N ARG B 109 -12.30 -27.24 30.37
CA ARG B 109 -13.24 -28.01 31.18
C ARG B 109 -12.86 -29.50 31.19
N ASP B 110 -12.31 -30.01 30.08
CA ASP B 110 -12.00 -31.43 29.99
C ASP B 110 -10.59 -31.61 29.41
N PRO B 111 -9.56 -31.02 30.04
CA PRO B 111 -8.20 -31.07 29.48
C PRO B 111 -7.65 -32.48 29.28
N HIS B 112 -8.10 -33.44 30.10
CA HIS B 112 -7.56 -34.79 30.07
C HIS B 112 -8.07 -35.54 28.84
N LEU B 113 -9.24 -35.16 28.33
CA LEU B 113 -9.74 -35.71 27.07
C LEU B 113 -8.76 -35.36 25.95
N LEU B 114 -8.31 -34.09 25.94
CA LEU B 114 -7.37 -33.64 24.93
C LEU B 114 -6.02 -34.34 25.14
N ILE B 115 -5.58 -34.46 26.41
CA ILE B 115 -4.29 -35.04 26.69
C ILE B 115 -4.28 -36.51 26.28
N GLU B 116 -5.34 -37.25 26.60
CA GLU B 116 -5.41 -38.65 26.22
C GLU B 116 -5.27 -38.80 24.70
N GLY B 117 -5.98 -37.95 23.96
CA GLY B 117 -5.93 -37.98 22.51
C GLY B 117 -4.52 -37.70 21.99
N ILE B 118 -3.84 -36.74 22.60
CA ILE B 118 -2.48 -36.39 22.21
C ILE B 118 -1.55 -37.59 22.44
N ILE B 119 -1.70 -38.28 23.58
CA ILE B 119 -0.79 -39.38 23.91
C ILE B 119 -0.99 -40.51 22.90
N ILE B 120 -2.26 -40.85 22.62
CA ILE B 120 -2.59 -41.91 21.68
C ILE B 120 -2.07 -41.54 20.29
N SER B 121 -2.29 -40.28 19.88
CA SER B 121 -1.91 -39.81 18.55
C SER B 121 -0.39 -39.84 18.37
N SER B 122 0.33 -39.43 19.42
CA SER B 122 1.77 -39.38 19.42
C SER B 122 2.34 -40.79 19.28
N TYR B 123 1.77 -41.73 20.03
CA TYR B 123 2.17 -43.12 19.97
C TYR B 123 1.94 -43.67 18.55
N ALA B 124 0.80 -43.30 17.96
CA ALA B 124 0.44 -43.77 16.64
C ALA B 124 1.51 -43.39 15.60
N ILE B 125 2.02 -42.16 15.67
CA ILE B 125 2.94 -41.67 14.65
C ILE B 125 4.40 -41.76 15.12
N GLY B 126 4.62 -42.36 16.31
CA GLY B 126 5.98 -42.58 16.79
C GLY B 126 6.66 -41.28 17.25
N ALA B 127 5.88 -40.34 17.81
CA ALA B 127 6.44 -39.11 18.34
C ALA B 127 6.64 -39.23 19.85
N ASN B 128 7.84 -38.83 20.31
CA ASN B 128 8.18 -38.87 21.72
C ASN B 128 8.10 -37.47 22.32
N GLU B 129 7.88 -36.47 21.46
CA GLU B 129 7.82 -35.08 21.87
C GLU B 129 6.54 -34.50 21.25
N ALA B 130 5.72 -33.87 22.09
CA ALA B 130 4.44 -33.34 21.64
C ALA B 130 4.27 -31.92 22.15
N TYR B 131 3.50 -31.12 21.40
CA TYR B 131 3.31 -29.72 21.72
C TYR B 131 1.82 -29.38 21.69
N ILE B 132 1.41 -28.52 22.61
CA ILE B 132 0.15 -27.80 22.47
C ILE B 132 0.51 -26.32 22.25
N TYR B 133 0.05 -25.75 21.15
CA TYR B 133 0.21 -24.33 20.89
C TYR B 133 -1.13 -23.63 21.13
N ILE B 134 -1.24 -22.91 22.25
CA ILE B 134 -2.48 -22.28 22.65
C ILE B 134 -2.32 -20.76 22.54
N ARG B 135 -3.33 -20.08 21.99
CA ARG B 135 -3.27 -18.63 21.82
C ARG B 135 -3.04 -17.98 23.18
N GLY B 136 -2.40 -16.80 23.16
CA GLY B 136 -2.03 -16.07 24.36
C GLY B 136 -3.25 -15.52 25.09
N GLU B 137 -4.36 -15.35 24.38
CA GLU B 137 -5.58 -14.78 24.95
C GLU B 137 -6.38 -15.87 25.68
N TYR B 138 -5.83 -17.09 25.74
CA TYR B 138 -6.40 -18.16 26.56
C TYR B 138 -5.43 -18.50 27.71
N PRO B 139 -5.18 -17.58 28.66
CA PRO B 139 -4.24 -17.85 29.75
C PRO B 139 -4.72 -18.93 30.73
N ALA B 140 -6.01 -18.97 31.03
CA ALA B 140 -6.54 -19.98 31.93
C ALA B 140 -6.33 -21.37 31.33
N GLY B 141 -6.67 -21.52 30.06
CA GLY B 141 -6.41 -22.75 29.31
C GLY B 141 -4.95 -23.21 29.42
N TYR B 142 -4.01 -22.27 29.25
CA TYR B 142 -2.59 -22.57 29.38
C TYR B 142 -2.30 -23.18 30.76
N TYR B 143 -2.75 -22.51 31.82
CA TYR B 143 -2.43 -22.96 33.18
C TYR B 143 -3.17 -24.27 33.47
N ILE B 144 -4.41 -24.39 32.99
CA ILE B 144 -5.20 -25.60 33.19
C ILE B 144 -4.50 -26.79 32.55
N LEU B 145 -3.97 -26.60 31.34
CA LEU B 145 -3.26 -27.65 30.63
C LEU B 145 -1.97 -28.02 31.35
N ARG B 146 -1.21 -27.01 31.79
CA ARG B 146 0.03 -27.25 32.50
C ARG B 146 -0.24 -28.12 33.72
N ASP B 147 -1.30 -27.78 34.47
CA ASP B 147 -1.67 -28.51 35.68
C ASP B 147 -2.11 -29.94 35.33
N ALA B 148 -2.91 -30.09 34.28
CA ALA B 148 -3.46 -31.38 33.91
C ALA B 148 -2.36 -32.32 33.41
N ILE B 149 -1.35 -31.76 32.73
CA ILE B 149 -0.23 -32.52 32.23
C ILE B 149 0.58 -33.07 33.41
N GLU B 150 0.74 -32.28 34.47
CA GLU B 150 1.47 -32.73 35.65
C GLU B 150 0.68 -33.83 36.38
N GLU B 151 -0.65 -33.69 36.44
CA GLU B 151 -1.50 -34.72 37.02
C GLU B 151 -1.31 -36.05 36.27
N ALA B 152 -1.30 -35.98 34.94
CA ALA B 152 -1.18 -37.16 34.09
C ALA B 152 0.18 -37.81 34.27
N LYS B 153 1.23 -36.99 34.42
CA LYS B 153 2.58 -37.47 34.65
C LYS B 153 2.66 -38.23 35.97
N LYS B 154 2.01 -37.70 37.01
CA LYS B 154 2.08 -38.31 38.32
C LYS B 154 1.38 -39.67 38.34
N LYS B 155 0.39 -39.87 37.45
CA LYS B 155 -0.32 -41.13 37.35
C LYS B 155 0.41 -42.09 36.41
N GLY B 156 1.41 -41.59 35.67
CA GLY B 156 2.23 -42.43 34.80
C GLY B 156 1.67 -42.53 33.38
N PHE B 157 0.84 -41.55 32.97
CA PHE B 157 0.32 -41.50 31.62
C PHE B 157 1.26 -40.70 30.72
N LEU B 158 2.17 -39.94 31.31
CA LEU B 158 3.23 -39.26 30.58
C LEU B 158 4.57 -39.58 31.24
N GLY B 159 5.66 -39.25 30.52
CA GLY B 159 7.01 -39.50 30.98
C GLY B 159 7.61 -40.71 30.25
N LYS B 160 8.49 -41.42 30.95
CA LYS B 160 9.19 -42.56 30.38
C LYS B 160 8.43 -43.84 30.68
N ASN B 161 8.36 -44.74 29.68
CA ASN B 161 7.88 -46.10 29.88
C ASN B 161 6.44 -46.06 30.39
N ILE B 162 5.56 -45.42 29.61
CA ILE B 162 4.16 -45.20 29.99
C ILE B 162 3.43 -46.55 30.06
N LEU B 163 2.94 -46.88 31.27
CA LEU B 163 2.19 -48.09 31.55
C LEU B 163 2.97 -49.33 31.12
N GLY B 164 4.30 -49.27 31.27
CA GLY B 164 5.17 -50.40 30.96
C GLY B 164 5.30 -50.68 29.47
N SER B 165 4.81 -49.75 28.62
CA SER B 165 4.77 -49.96 27.18
C SER B 165 6.15 -49.78 26.56
N GLY B 166 7.01 -49.00 27.22
CA GLY B 166 8.30 -48.62 26.66
C GLY B 166 8.18 -47.40 25.74
N PHE B 167 7.00 -46.76 25.74
CA PHE B 167 6.77 -45.56 24.96
C PHE B 167 7.00 -44.35 25.85
N ASP B 168 7.76 -43.38 25.33
CA ASP B 168 8.11 -42.17 26.07
C ASP B 168 7.43 -40.97 25.42
N LEU B 169 6.82 -40.11 26.24
CA LEU B 169 6.20 -38.90 25.73
C LEU B 169 6.31 -37.78 26.76
N GLU B 170 6.66 -36.59 26.25
CA GLU B 170 6.53 -35.35 27.00
C GLU B 170 5.68 -34.39 26.18
N ILE B 171 4.76 -33.70 26.85
CA ILE B 171 3.91 -32.70 26.20
C ILE B 171 4.30 -31.32 26.73
N TYR B 172 4.68 -30.42 25.81
CA TYR B 172 5.05 -29.06 26.12
C TYR B 172 3.93 -28.12 25.69
N VAL B 173 3.65 -27.10 26.50
CA VAL B 173 2.63 -26.12 26.17
C VAL B 173 3.32 -24.81 25.82
N ALA B 174 3.09 -24.35 24.59
CA ALA B 174 3.60 -23.06 24.13
C ALA B 174 2.43 -22.09 24.00
N ARG B 175 2.73 -20.79 24.08
CA ARG B 175 1.71 -19.76 24.02
C ARG B 175 1.96 -18.86 22.81
N GLY B 176 0.87 -18.51 22.10
CA GLY B 176 0.92 -17.53 21.05
C GLY B 176 1.04 -16.12 21.64
N ALA B 177 1.06 -15.10 20.77
CA ALA B 177 1.20 -13.73 21.22
C ALA B 177 0.43 -12.77 20.30
N GLY B 178 -0.81 -13.12 19.97
CA GLY B 178 -1.77 -12.17 19.41
C GLY B 178 -1.81 -12.15 17.89
N ALA B 179 -1.20 -13.16 17.24
CA ALA B 179 -1.20 -13.25 15.79
C ALA B 179 -2.04 -14.46 15.34
N TYR B 180 -3.14 -14.17 14.63
CA TYR B 180 -4.01 -15.20 14.08
C TYR B 180 -3.24 -16.13 13.15
N ILE B 181 -2.25 -15.59 12.41
CA ILE B 181 -1.52 -16.36 11.42
C ILE B 181 -0.80 -17.54 12.05
N CYS B 182 -0.47 -17.45 13.34
CA CYS B 182 0.24 -18.54 14.02
C CYS B 182 -0.60 -19.80 14.06
N GLY B 183 -1.90 -19.69 13.79
CA GLY B 183 -2.78 -20.83 13.65
C GLY B 183 -2.50 -21.64 12.38
N GLU B 184 -2.00 -20.98 11.31
CA GLU B 184 -1.58 -21.68 10.12
C GLU B 184 -0.44 -22.61 10.53
N GLU B 185 -0.43 -23.84 10.01
CA GLU B 185 0.37 -24.91 10.60
C GLU B 185 1.87 -24.64 10.44
N THR B 186 2.31 -24.13 9.28
CA THR B 186 3.73 -23.87 9.06
C THR B 186 4.15 -22.66 9.88
N ALA B 187 3.28 -21.66 10.00
CA ALA B 187 3.53 -20.50 10.84
C ALA B 187 3.63 -20.92 12.30
N LEU B 188 2.74 -21.85 12.70
CA LEU B 188 2.75 -22.38 14.06
C LEU B 188 4.11 -23.01 14.34
N ILE B 189 4.64 -23.77 13.37
CA ILE B 189 5.89 -24.47 13.55
C ILE B 189 7.04 -23.47 13.68
N GLU B 190 7.03 -22.42 12.85
CA GLU B 190 8.02 -21.36 12.94
C GLU B 190 8.04 -20.77 14.35
N SER B 191 6.86 -20.47 14.90
CA SER B 191 6.74 -19.90 16.24
C SER B 191 7.28 -20.85 17.30
N LEU B 192 7.05 -22.17 17.14
CA LEU B 192 7.54 -23.17 18.07
C LEU B 192 9.07 -23.24 18.06
N GLU B 193 9.70 -22.85 16.94
CA GLU B 193 11.14 -22.81 16.80
C GLU B 193 11.69 -21.46 17.30
N GLY B 194 10.81 -20.59 17.81
CA GLY B 194 11.23 -19.36 18.45
C GLY B 194 11.34 -18.19 17.46
N LYS B 195 10.65 -18.29 16.32
CA LYS B 195 10.75 -17.31 15.26
C LYS B 195 9.41 -16.60 15.07
N ARG B 196 9.41 -15.62 14.18
CA ARG B 196 8.20 -14.95 13.74
C ARG B 196 7.30 -15.96 13.04
N GLY B 197 5.99 -15.84 13.28
CA GLY B 197 5.01 -16.74 12.68
C GLY B 197 4.79 -16.42 11.20
N HIS B 198 5.79 -16.73 10.38
CA HIS B 198 5.70 -16.58 8.94
C HIS B 198 5.41 -17.94 8.32
N PRO B 199 4.25 -18.14 7.65
CA PRO B 199 4.01 -19.36 6.88
C PRO B 199 5.11 -19.70 5.89
N ARG B 200 5.32 -21.01 5.69
CA ARG B 200 6.26 -21.52 4.71
C ARG B 200 5.50 -21.93 3.45
N LEU B 201 6.20 -21.90 2.31
CA LEU B 201 5.69 -22.46 1.06
C LEU B 201 5.39 -23.94 1.27
N LYS B 202 4.16 -24.35 0.93
CA LYS B 202 3.72 -25.74 0.96
C LYS B 202 3.33 -26.16 -0.46
N PRO B 203 3.81 -27.31 -1.00
CA PRO B 203 4.59 -28.29 -0.24
C PRO B 203 6.04 -27.83 -0.06
N PRO B 204 6.83 -28.46 0.83
CA PRO B 204 6.40 -29.64 1.59
C PRO B 204 5.39 -29.38 2.70
N TYR B 205 4.60 -30.42 3.03
CA TYR B 205 3.69 -30.37 4.15
C TYR B 205 4.46 -30.74 5.40
N PRO B 206 4.03 -30.27 6.60
CA PRO B 206 4.71 -30.62 7.85
C PRO B 206 5.02 -32.11 8.04
N VAL B 207 4.13 -32.99 7.56
CA VAL B 207 4.32 -34.43 7.68
C VAL B 207 5.62 -34.87 6.99
N GLN B 208 6.05 -34.14 5.97
CA GLN B 208 7.33 -34.42 5.33
C GLN B 208 8.44 -33.64 6.05
N LYS B 209 8.27 -32.32 6.16
N LYS B 209 8.26 -32.32 6.16
CA LYS B 209 9.26 -31.46 6.81
CA LYS B 209 9.24 -31.44 6.77
C LYS B 209 8.55 -30.42 7.66
C LYS B 209 8.50 -30.43 7.66
N GLY B 210 8.70 -30.56 8.98
CA GLY B 210 7.98 -29.74 9.94
C GLY B 210 8.92 -29.13 10.97
N LEU B 211 8.68 -29.46 12.25
CA LEU B 211 9.46 -28.93 13.36
C LEU B 211 10.89 -29.44 13.26
N TRP B 212 11.86 -28.52 13.22
CA TRP B 212 13.27 -28.84 13.03
C TRP B 212 13.46 -29.67 11.75
N GLY B 213 12.60 -29.44 10.75
CA GLY B 213 12.70 -30.11 9.47
C GLY B 213 12.31 -31.59 9.52
N LYS B 214 11.65 -32.02 10.60
CA LYS B 214 11.34 -33.42 10.81
C LYS B 214 9.86 -33.67 10.52
N PRO B 215 9.47 -34.92 10.16
CA PRO B 215 8.06 -35.27 9.98
C PRO B 215 7.24 -34.81 11.18
N THR B 216 6.21 -34.01 10.92
CA THR B 216 5.40 -33.41 11.96
C THR B 216 3.93 -33.47 11.57
N VAL B 217 3.09 -33.93 12.51
CA VAL B 217 1.64 -33.86 12.35
C VAL B 217 1.13 -32.68 13.17
N VAL B 218 0.28 -31.88 12.55
CA VAL B 218 -0.46 -30.85 13.23
C VAL B 218 -1.95 -31.20 13.12
N ASN B 219 -2.63 -31.24 14.27
CA ASN B 219 -4.06 -31.52 14.32
C ASN B 219 -4.72 -30.49 15.24
N ASN B 220 -5.97 -30.17 14.93
CA ASN B 220 -6.78 -29.28 15.74
C ASN B 220 -7.18 -29.98 17.05
N VAL B 221 -7.39 -29.18 18.09
CA VAL B 221 -7.84 -29.64 19.40
C VAL B 221 -9.03 -30.59 19.25
N GLU B 222 -10.06 -30.15 18.53
CA GLU B 222 -11.30 -30.93 18.40
C GLU B 222 -11.03 -32.27 17.71
N THR B 223 -10.20 -32.27 16.66
CA THR B 223 -9.82 -33.48 15.95
C THR B 223 -9.28 -34.52 16.94
N ILE B 224 -8.33 -34.08 17.76
CA ILE B 224 -7.59 -34.94 18.68
C ILE B 224 -8.54 -35.49 19.75
N ALA B 225 -9.53 -34.70 20.14
CA ALA B 225 -10.49 -35.08 21.17
C ALA B 225 -11.37 -36.25 20.69
N ASN B 226 -11.42 -36.49 19.38
CA ASN B 226 -12.17 -37.62 18.83
C ASN B 226 -11.42 -38.93 19.04
N VAL B 227 -10.08 -38.86 19.11
CA VAL B 227 -9.25 -40.06 19.03
C VAL B 227 -9.52 -41.02 20.19
N PRO B 228 -9.63 -40.59 21.47
CA PRO B 228 -9.99 -41.51 22.55
C PRO B 228 -11.27 -42.30 22.29
N PHE B 229 -12.25 -41.67 21.64
CA PHE B 229 -13.53 -42.29 21.34
C PHE B 229 -13.36 -43.38 20.28
N ILE B 230 -12.57 -43.10 19.24
CA ILE B 230 -12.35 -44.06 18.17
C ILE B 230 -11.73 -45.33 18.74
N ILE B 231 -10.76 -45.18 19.65
CA ILE B 231 -10.09 -46.32 20.26
C ILE B 231 -11.05 -47.05 21.18
N SER B 232 -11.83 -46.28 21.95
CA SER B 232 -12.71 -46.82 22.99
C SER B 232 -13.88 -47.59 22.36
N MET B 233 -14.53 -46.99 21.36
CA MET B 233 -15.71 -47.58 20.73
C MET B 233 -15.32 -48.55 19.62
N GLY B 234 -14.10 -48.40 19.06
CA GLY B 234 -13.75 -49.03 17.80
C GLY B 234 -14.20 -48.15 16.63
N TRP B 235 -13.55 -48.29 15.47
CA TRP B 235 -13.76 -47.37 14.36
C TRP B 235 -15.16 -47.55 13.75
N GLU B 236 -15.70 -48.77 13.76
CA GLU B 236 -16.96 -49.04 13.12
C GLU B 236 -18.13 -48.41 13.87
N GLU B 237 -18.13 -48.52 15.21
CA GLU B 237 -19.18 -47.92 16.03
C GLU B 237 -19.12 -46.40 15.92
N TYR B 238 -17.91 -45.85 15.77
CA TYR B 238 -17.72 -44.42 15.59
C TYR B 238 -18.39 -43.96 14.30
N ARG B 239 -18.28 -44.76 13.24
CA ARG B 239 -18.83 -44.41 11.94
C ARG B 239 -20.36 -44.38 11.95
N TYR B 240 -20.98 -45.15 12.86
CA TYR B 240 -22.43 -45.18 12.97
C TYR B 240 -22.98 -43.88 13.56
N ILE B 241 -22.11 -43.04 14.13
CA ILE B 241 -22.51 -41.71 14.55
C ILE B 241 -22.61 -40.82 13.31
N GLY B 242 -23.83 -40.33 13.04
CA GLY B 242 -24.05 -39.31 12.02
C GLY B 242 -24.17 -39.91 10.62
N PRO B 243 -24.02 -39.09 9.55
CA PRO B 243 -24.06 -39.61 8.18
C PRO B 243 -22.87 -40.52 7.91
N SER B 244 -23.12 -41.56 7.08
CA SER B 244 -22.13 -42.56 6.71
C SER B 244 -20.87 -41.89 6.15
N ASP B 245 -21.06 -40.74 5.51
CA ASP B 245 -19.99 -40.06 4.80
C ASP B 245 -19.17 -39.20 5.78
N TYR B 246 -19.85 -38.57 6.75
CA TYR B 246 -19.18 -37.64 7.66
C TYR B 246 -19.47 -38.06 9.10
N ALA B 247 -18.57 -38.91 9.63
CA ALA B 247 -18.82 -39.59 10.88
C ALA B 247 -18.38 -38.72 12.06
N GLY B 248 -19.00 -38.98 13.21
CA GLY B 248 -18.48 -38.49 14.48
C GLY B 248 -19.25 -37.27 14.96
N PRO B 249 -19.06 -36.88 16.23
CA PRO B 249 -19.66 -35.66 16.78
C PRO B 249 -18.93 -34.46 16.21
N LYS B 250 -19.60 -33.31 16.22
CA LYS B 250 -19.01 -32.05 15.79
C LYS B 250 -19.47 -30.94 16.73
N LEU B 251 -18.54 -30.03 17.07
CA LEU B 251 -18.86 -28.86 17.88
C LEU B 251 -19.17 -27.67 16.98
N PHE B 252 -20.31 -27.02 17.26
CA PHE B 252 -20.74 -25.84 16.53
C PHE B 252 -20.84 -24.65 17.49
N PRO B 253 -19.88 -23.70 17.43
CA PRO B 253 -20.01 -22.46 18.19
C PRO B 253 -20.99 -21.53 17.48
N VAL B 254 -22.09 -21.19 18.17
CA VAL B 254 -23.15 -20.38 17.59
C VAL B 254 -23.21 -19.07 18.36
N SER B 255 -23.18 -17.95 17.61
CA SER B 255 -23.11 -16.62 18.19
C SER B 255 -23.91 -15.65 17.33
N GLY B 256 -23.95 -14.40 17.77
CA GLY B 256 -24.81 -13.39 17.15
C GLY B 256 -26.17 -13.40 17.82
N LYS B 257 -27.21 -13.03 17.06
CA LYS B 257 -28.51 -12.72 17.62
C LYS B 257 -29.36 -13.99 17.73
N VAL B 258 -28.92 -14.94 18.54
CA VAL B 258 -29.70 -16.13 18.83
C VAL B 258 -30.06 -16.12 20.31
N LYS B 259 -31.12 -16.86 20.65
CA LYS B 259 -31.61 -16.93 22.02
C LYS B 259 -30.55 -17.59 22.91
N LYS B 260 -29.90 -18.64 22.41
CA LYS B 260 -29.02 -19.48 23.22
C LYS B 260 -27.66 -19.60 22.54
N PRO B 261 -26.84 -18.52 22.54
CA PRO B 261 -25.49 -18.60 21.97
C PRO B 261 -24.61 -19.50 22.83
N GLY B 262 -23.78 -20.31 22.16
CA GLY B 262 -22.92 -21.27 22.82
C GLY B 262 -22.46 -22.37 21.86
N VAL B 263 -21.95 -23.46 22.43
CA VAL B 263 -21.36 -24.55 21.68
C VAL B 263 -22.30 -25.75 21.72
N TYR B 264 -22.62 -26.29 20.54
CA TYR B 264 -23.52 -27.42 20.41
C TYR B 264 -22.78 -28.60 19.81
N GLU B 265 -22.84 -29.75 20.50
CA GLU B 265 -22.30 -30.99 19.98
C GLU B 265 -23.42 -31.74 19.28
N LEU B 266 -23.28 -31.88 17.95
CA LEU B 266 -24.33 -32.39 17.08
C LEU B 266 -23.69 -33.24 15.99
N PRO B 267 -24.44 -34.18 15.37
CA PRO B 267 -23.95 -34.90 14.20
C PRO B 267 -23.99 -33.98 12.99
N MET B 268 -23.19 -34.32 11.96
CA MET B 268 -22.98 -33.41 10.86
C MET B 268 -24.09 -33.50 9.81
N ASN B 269 -25.09 -34.36 10.02
CA ASN B 269 -26.28 -34.36 9.18
C ASN B 269 -27.30 -33.31 9.65
N THR B 270 -27.01 -32.64 10.76
CA THR B 270 -27.82 -31.51 11.19
C THR B 270 -27.73 -30.41 10.13
N THR B 271 -28.85 -29.74 9.83
CA THR B 271 -28.84 -28.62 8.90
C THR B 271 -28.57 -27.34 9.68
N LEU B 272 -28.17 -26.28 8.94
CA LEU B 272 -27.90 -24.98 9.52
C LEU B 272 -29.16 -24.40 10.16
N ARG B 273 -30.33 -24.65 9.56
CA ARG B 273 -31.59 -24.17 10.12
C ARG B 273 -31.84 -24.80 11.48
N GLU B 274 -31.57 -26.10 11.61
CA GLU B 274 -31.78 -26.83 12.85
C GLU B 274 -30.84 -26.30 13.93
N VAL B 275 -29.60 -25.98 13.56
CA VAL B 275 -28.63 -25.46 14.51
C VAL B 275 -29.20 -24.19 15.14
N ILE B 276 -29.70 -23.29 14.28
CA ILE B 276 -30.15 -21.97 14.70
C ILE B 276 -31.48 -22.06 15.43
N PHE B 277 -32.45 -22.80 14.86
CA PHE B 277 -33.82 -22.74 15.34
C PHE B 277 -34.13 -23.85 16.34
N LYS B 278 -33.72 -25.08 16.05
CA LYS B 278 -34.03 -26.21 16.90
C LYS B 278 -33.19 -26.16 18.18
N TYR B 279 -31.88 -25.90 18.06
CA TYR B 279 -30.95 -26.04 19.18
C TYR B 279 -30.63 -24.69 19.81
N ALA B 280 -30.29 -23.68 18.98
CA ALA B 280 -29.92 -22.37 19.48
C ALA B 280 -31.15 -21.56 19.88
N GLY B 281 -32.35 -22.06 19.55
CA GLY B 281 -33.60 -21.53 20.07
C GLY B 281 -34.21 -20.43 19.20
N GLY B 282 -33.68 -20.26 17.97
CA GLY B 282 -34.14 -19.21 17.08
C GLY B 282 -33.44 -17.89 17.37
N THR B 283 -33.95 -16.80 16.79
CA THR B 283 -33.31 -15.50 16.86
C THR B 283 -33.92 -14.66 17.98
N LEU B 284 -33.15 -13.67 18.47
CA LEU B 284 -33.63 -12.72 19.46
C LEU B 284 -34.75 -11.90 18.84
N GLY B 285 -35.90 -11.83 19.53
CA GLY B 285 -37.06 -11.10 19.06
C GLY B 285 -37.76 -11.79 17.90
N ASN B 286 -37.38 -13.04 17.61
CA ASN B 286 -37.91 -13.81 16.49
C ASN B 286 -37.77 -13.03 15.17
N LYS B 287 -36.68 -12.27 15.03
CA LYS B 287 -36.39 -11.56 13.80
C LYS B 287 -35.91 -12.55 12.75
N LYS B 288 -36.17 -12.26 11.48
CA LYS B 288 -35.78 -13.12 10.38
C LYS B 288 -34.25 -13.14 10.26
N VAL B 289 -33.70 -14.31 9.92
CA VAL B 289 -32.29 -14.46 9.63
C VAL B 289 -31.99 -13.84 8.27
N LYS B 290 -30.99 -12.94 8.24
CA LYS B 290 -30.56 -12.34 6.98
C LYS B 290 -29.39 -13.13 6.40
N ALA B 291 -28.39 -13.41 7.24
CA ALA B 291 -27.18 -14.10 6.79
C ALA B 291 -26.52 -14.84 7.95
N VAL B 292 -25.70 -15.82 7.59
CA VAL B 292 -24.83 -16.51 8.53
C VAL B 292 -23.40 -16.40 8.01
N PHE B 293 -22.50 -15.93 8.85
CA PHE B 293 -21.09 -15.91 8.55
C PHE B 293 -20.47 -17.17 9.14
N SER B 294 -19.88 -18.00 8.28
CA SER B 294 -19.04 -19.10 8.71
C SER B 294 -17.68 -18.53 9.12
N GLY B 295 -17.61 -18.05 10.37
CA GLY B 295 -16.44 -17.34 10.85
C GLY B 295 -16.12 -16.17 9.92
N ALA B 296 -14.89 -16.10 9.42
CA ALA B 296 -14.49 -15.11 8.44
C ALA B 296 -14.29 -15.74 7.05
N LEU B 297 -14.87 -16.92 6.81
CA LEU B 297 -14.55 -17.69 5.61
C LEU B 297 -15.66 -17.54 4.56
N ASP B 298 -16.93 -17.69 4.96
CA ASP B 298 -18.03 -17.71 4.01
C ASP B 298 -19.22 -16.94 4.57
N CYS B 299 -20.10 -16.54 3.65
CA CYS B 299 -21.37 -15.91 3.98
C CYS B 299 -22.50 -16.70 3.31
N PHE B 300 -23.46 -17.17 4.12
CA PHE B 300 -24.64 -17.84 3.62
C PHE B 300 -25.86 -16.93 3.79
N SER B 301 -26.73 -16.91 2.78
CA SER B 301 -27.97 -16.17 2.85
C SER B 301 -29.07 -17.04 3.46
N SER B 302 -30.24 -16.44 3.65
CA SER B 302 -31.39 -17.10 4.27
C SER B 302 -31.93 -18.23 3.39
N GLU B 303 -31.61 -18.19 2.10
CA GLU B 303 -32.04 -19.21 1.15
C GLU B 303 -31.15 -20.44 1.21
N GLU B 304 -30.11 -20.40 2.05
CA GLU B 304 -29.11 -21.46 2.09
C GLU B 304 -29.10 -22.13 3.47
N LEU B 305 -30.21 -22.03 4.21
CA LEU B 305 -30.23 -22.48 5.60
C LEU B 305 -30.43 -23.98 5.70
N ASP B 306 -30.83 -24.63 4.59
CA ASP B 306 -31.16 -26.06 4.63
C ASP B 306 -29.96 -26.92 4.26
N ILE B 307 -28.76 -26.34 4.19
CA ILE B 307 -27.57 -27.11 3.87
C ILE B 307 -27.13 -27.92 5.10
N PRO B 308 -26.54 -29.12 4.90
CA PRO B 308 -25.98 -29.89 6.00
C PRO B 308 -24.67 -29.29 6.52
N MET B 309 -24.40 -29.56 7.80
CA MET B 309 -23.24 -29.03 8.49
C MET B 309 -22.09 -30.03 8.37
N ASP B 310 -21.78 -30.44 7.14
CA ASP B 310 -20.80 -31.48 6.88
C ASP B 310 -19.71 -30.95 5.94
N TYR B 311 -18.84 -31.87 5.46
CA TYR B 311 -17.72 -31.53 4.62
C TYR B 311 -17.98 -31.94 3.16
N SER B 312 -19.26 -32.00 2.79
CA SER B 312 -19.65 -32.25 1.40
C SER B 312 -19.41 -30.99 0.57
N PRO B 313 -19.32 -31.11 -0.78
CA PRO B 313 -19.25 -29.93 -1.66
C PRO B 313 -20.27 -28.84 -1.36
N LEU B 314 -21.52 -29.23 -1.07
CA LEU B 314 -22.61 -28.28 -0.84
C LEU B 314 -22.84 -28.06 0.67
N GLY B 315 -21.94 -28.59 1.50
CA GLY B 315 -22.08 -28.48 2.95
C GLY B 315 -21.55 -27.16 3.49
N PHE B 316 -21.79 -26.91 4.77
CA PHE B 316 -21.36 -25.71 5.46
C PHE B 316 -19.85 -25.69 5.56
N GLY B 317 -19.27 -26.79 6.03
CA GLY B 317 -17.83 -26.98 6.04
C GLY B 317 -17.17 -26.11 7.10
N GLY B 318 -15.92 -25.72 6.84
CA GLY B 318 -15.15 -24.88 7.75
C GLY B 318 -14.98 -25.53 9.11
N THR B 319 -15.20 -24.74 10.16
CA THR B 319 -15.06 -25.20 11.54
C THR B 319 -16.45 -25.36 12.17
N GLY B 320 -17.50 -25.17 11.38
CA GLY B 320 -18.87 -25.18 11.88
C GLY B 320 -19.20 -23.93 12.70
N THR B 321 -18.46 -22.84 12.47
CA THR B 321 -18.72 -21.59 13.16
C THR B 321 -19.96 -20.91 12.56
N VAL B 322 -20.93 -20.57 13.43
CA VAL B 322 -22.19 -20.01 12.99
C VAL B 322 -22.41 -18.66 13.65
N ILE B 323 -22.14 -17.59 12.92
CA ILE B 323 -22.44 -16.23 13.36
C ILE B 323 -23.73 -15.80 12.66
N VAL B 324 -24.77 -15.50 13.45
CA VAL B 324 -26.08 -15.21 12.89
C VAL B 324 -26.32 -13.69 12.86
N LEU B 325 -26.71 -13.18 11.68
CA LEU B 325 -27.14 -11.81 11.51
C LEU B 325 -28.64 -11.79 11.17
N THR B 326 -29.37 -10.86 11.78
CA THR B 326 -30.81 -10.74 11.57
C THR B 326 -31.09 -9.66 10.51
N GLU B 327 -32.38 -9.46 10.23
CA GLU B 327 -32.83 -8.52 9.20
C GLU B 327 -32.38 -7.09 9.49
N GLU B 328 -32.17 -6.76 10.77
CA GLU B 328 -31.84 -5.39 11.17
C GLU B 328 -30.35 -5.09 11.02
N ASP B 329 -29.49 -6.12 10.91
CA ASP B 329 -28.05 -5.91 10.96
C ASP B 329 -27.48 -5.60 9.57
N ASP B 330 -26.61 -4.60 9.50
CA ASP B 330 -26.10 -4.09 8.24
C ASP B 330 -24.99 -5.01 7.72
N ILE B 331 -25.13 -5.49 6.48
CA ILE B 331 -24.20 -6.43 5.89
C ILE B 331 -22.86 -5.74 5.58
N VAL B 332 -22.91 -4.46 5.19
CA VAL B 332 -21.72 -3.72 4.81
C VAL B 332 -20.88 -3.49 6.05
N GLU B 333 -21.53 -3.10 7.15
CA GLU B 333 -20.88 -2.93 8.44
C GLU B 333 -20.19 -4.22 8.86
N ALA B 334 -20.88 -5.35 8.68
CA ALA B 334 -20.35 -6.66 9.04
C ALA B 334 -19.17 -7.01 8.14
N ALA B 335 -19.30 -6.74 6.84
CA ALA B 335 -18.21 -6.95 5.89
C ALA B 335 -16.97 -6.16 6.30
N LEU B 336 -17.17 -4.93 6.81
CA LEU B 336 -16.07 -4.08 7.25
C LEU B 336 -15.31 -4.77 8.38
N LYS B 337 -16.04 -5.39 9.30
CA LYS B 337 -15.42 -6.06 10.43
C LYS B 337 -14.57 -7.24 9.96
N ILE B 338 -15.03 -7.97 8.94
CA ILE B 338 -14.25 -9.04 8.35
C ILE B 338 -13.01 -8.47 7.66
N ALA B 339 -13.17 -7.36 6.93
CA ALA B 339 -12.04 -6.71 6.28
C ALA B 339 -11.00 -6.29 7.32
N GLU B 340 -11.48 -5.69 8.42
CA GLU B 340 -10.61 -5.24 9.49
C GLU B 340 -9.84 -6.42 10.09
N PHE B 341 -10.49 -7.58 10.18
CA PHE B 341 -9.84 -8.76 10.73
C PHE B 341 -8.64 -9.13 9.87
N TYR B 342 -8.82 -9.18 8.55
CA TYR B 342 -7.73 -9.58 7.67
C TYR B 342 -6.64 -8.51 7.61
N GLU B 343 -7.02 -7.24 7.70
CA GLU B 343 -6.05 -6.15 7.79
C GLU B 343 -5.09 -6.41 8.94
N HIS B 344 -5.64 -6.75 10.11
CA HIS B 344 -4.85 -6.88 11.32
C HIS B 344 -4.01 -8.16 11.34
N GLU B 345 -4.34 -9.16 10.52
CA GLU B 345 -3.77 -10.50 10.69
C GLU B 345 -2.81 -10.91 9.58
N THR B 346 -2.81 -10.23 8.41
CA THR B 346 -1.83 -10.55 7.36
C THR B 346 -0.41 -10.37 7.89
N CYS B 347 0.45 -11.37 7.65
CA CYS B 347 1.81 -11.38 8.18
C CYS B 347 2.71 -10.46 7.35
N GLY B 348 2.33 -10.21 6.09
CA GLY B 348 2.94 -9.17 5.29
C GLY B 348 4.04 -9.68 4.34
N GLN B 349 4.32 -10.99 4.37
CA GLN B 349 5.37 -11.58 3.55
C GLN B 349 5.10 -11.37 2.06
N CYS B 350 3.82 -11.49 1.67
CA CYS B 350 3.43 -11.45 0.27
C CYS B 350 2.83 -10.07 -0.01
N THR B 351 3.25 -9.44 -1.12
CA THR B 351 2.90 -8.05 -1.39
C THR B 351 1.39 -7.91 -1.62
N PRO B 352 0.73 -8.68 -2.51
CA PRO B 352 -0.71 -8.53 -2.74
C PRO B 352 -1.58 -8.76 -1.50
N CYS B 353 -1.17 -9.73 -0.66
CA CYS B 353 -1.85 -9.95 0.61
C CYS B 353 -1.64 -8.77 1.56
N ARG B 354 -0.39 -8.31 1.66
N ARG B 354 -0.39 -8.29 1.67
CA ARG B 354 -0.02 -7.22 2.56
CA ARG B 354 -0.06 -7.22 2.58
C ARG B 354 -0.84 -5.97 2.23
C ARG B 354 -0.85 -5.96 2.23
N VAL B 355 -0.79 -5.54 0.96
CA VAL B 355 -1.40 -4.29 0.52
C VAL B 355 -2.90 -4.51 0.33
N GLY B 356 -3.29 -5.67 -0.19
CA GLY B 356 -4.68 -5.99 -0.48
C GLY B 356 -5.55 -5.99 0.77
N CYS B 357 -5.08 -6.66 1.84
CA CYS B 357 -5.84 -6.73 3.09
C CYS B 357 -5.98 -5.33 3.69
N TYR B 358 -4.90 -4.54 3.61
CA TYR B 358 -4.91 -3.18 4.11
C TYR B 358 -5.94 -2.35 3.31
N GLU B 359 -5.81 -2.38 1.98
CA GLU B 359 -6.61 -1.52 1.12
C GLU B 359 -8.08 -1.94 1.13
N GLN B 360 -8.34 -3.23 1.24
CA GLN B 360 -9.71 -3.73 1.34
C GLN B 360 -10.41 -3.08 2.52
N ALA B 361 -9.74 -3.07 3.68
CA ALA B 361 -10.34 -2.54 4.91
C ALA B 361 -10.49 -1.03 4.84
N ASN B 362 -9.48 -0.35 4.29
CA ASN B 362 -9.47 1.11 4.31
C ASN B 362 -10.46 1.67 3.31
N LEU B 363 -10.56 1.04 2.13
CA LEU B 363 -11.53 1.45 1.11
C LEU B 363 -12.95 1.15 1.59
N LEU B 364 -13.14 -0.01 2.25
CA LEU B 364 -14.46 -0.41 2.71
C LEU B 364 -14.92 0.54 3.81
N GLU B 365 -13.99 1.00 4.65
CA GLU B 365 -14.30 1.95 5.70
C GLU B 365 -14.83 3.25 5.10
N LYS B 366 -14.20 3.71 4.00
CA LYS B 366 -14.63 4.92 3.32
C LYS B 366 -16.01 4.71 2.69
N ILE B 367 -16.24 3.53 2.10
CA ILE B 367 -17.54 3.18 1.55
C ILE B 367 -18.58 3.27 2.66
N TYR B 368 -18.26 2.72 3.83
CA TYR B 368 -19.19 2.64 4.94
C TYR B 368 -19.53 4.04 5.46
N LYS B 369 -18.55 4.95 5.46
CA LYS B 369 -18.73 6.28 6.01
C LYS B 369 -19.31 7.25 4.98
N GLY B 370 -19.54 6.78 3.74
CA GLY B 370 -20.05 7.61 2.67
C GLY B 370 -19.03 8.65 2.21
N GLU B 371 -17.74 8.33 2.32
CA GLU B 371 -16.65 9.22 1.93
C GLU B 371 -15.96 8.71 0.67
N ALA B 372 -16.46 7.63 0.08
CA ALA B 372 -15.77 6.95 -1.00
C ALA B 372 -16.06 7.64 -2.33
N THR B 373 -15.00 7.90 -3.10
CA THR B 373 -15.13 8.35 -4.48
C THR B 373 -15.48 7.16 -5.36
N GLU B 374 -15.81 7.45 -6.61
CA GLU B 374 -16.09 6.44 -7.62
C GLU B 374 -14.84 5.58 -7.82
N GLN B 375 -13.65 6.19 -7.81
CA GLN B 375 -12.41 5.46 -7.96
C GLN B 375 -12.17 4.53 -6.77
N ASP B 376 -12.57 4.97 -5.57
CA ASP B 376 -12.46 4.15 -4.37
C ASP B 376 -13.28 2.86 -4.54
N TRP B 377 -14.46 2.99 -5.15
CA TRP B 377 -15.35 1.87 -5.40
C TRP B 377 -14.71 0.87 -6.37
N GLU B 378 -14.15 1.39 -7.47
N GLU B 378 -14.14 1.39 -7.47
CA GLU B 378 -13.48 0.57 -8.46
CA GLU B 378 -13.48 0.58 -8.46
C GLU B 378 -12.25 -0.09 -7.84
C GLU B 378 -12.25 -0.09 -7.85
N GLY B 379 -11.52 0.68 -7.01
CA GLY B 379 -10.33 0.17 -6.35
C GLY B 379 -10.66 -0.94 -5.36
N PHE B 380 -11.76 -0.76 -4.63
CA PHE B 380 -12.23 -1.75 -3.67
C PHE B 380 -12.51 -3.06 -4.40
N ASP B 381 -13.27 -2.99 -5.49
CA ASP B 381 -13.60 -4.16 -6.29
C ASP B 381 -12.33 -4.88 -6.74
N PHE B 382 -11.38 -4.10 -7.28
CA PHE B 382 -10.12 -4.64 -7.80
C PHE B 382 -9.28 -5.29 -6.69
N VAL B 383 -9.10 -4.57 -5.58
CA VAL B 383 -8.31 -5.08 -4.47
C VAL B 383 -8.90 -6.39 -3.94
N ASN B 384 -10.22 -6.43 -3.76
CA ASN B 384 -10.91 -7.61 -3.26
C ASN B 384 -10.57 -8.85 -4.10
N ARG B 385 -10.38 -8.66 -5.42
N ARG B 385 -10.37 -8.67 -5.41
CA ARG B 385 -10.15 -9.76 -6.34
CA ARG B 385 -10.15 -9.79 -6.31
C ARG B 385 -8.67 -10.09 -6.49
C ARG B 385 -8.66 -10.08 -6.51
N ASN B 386 -7.78 -9.30 -5.87
CA ASN B 386 -6.35 -9.40 -6.11
C ASN B 386 -5.54 -9.41 -4.82
N ILE B 387 -6.05 -10.10 -3.78
CA ILE B 387 -5.29 -10.33 -2.56
C ILE B 387 -4.49 -11.64 -2.69
N GLN B 388 -5.01 -12.60 -3.46
CA GLN B 388 -4.47 -13.95 -3.53
C GLN B 388 -3.17 -14.05 -4.33
N PRO B 389 -2.97 -13.33 -5.45
CA PRO B 389 -1.78 -13.55 -6.28
C PRO B 389 -0.47 -13.58 -5.48
N THR B 390 0.33 -14.63 -5.74
CA THR B 390 1.64 -14.88 -5.14
C THR B 390 1.53 -15.37 -3.70
N SER B 391 0.31 -15.47 -3.16
CA SER B 391 0.13 -15.81 -1.75
C SER B 391 0.70 -17.19 -1.46
N ILE B 392 1.36 -17.34 -0.31
CA ILE B 392 1.95 -18.62 0.04
C ILE B 392 1.17 -19.35 1.12
N CYS B 393 0.13 -18.73 1.70
CA CYS B 393 -0.72 -19.46 2.64
C CYS B 393 -2.20 -19.15 2.39
N GLY B 394 -3.06 -19.84 3.15
CA GLY B 394 -4.51 -19.81 2.97
C GLY B 394 -5.16 -18.45 3.26
N LEU B 395 -4.52 -17.60 4.07
CA LEU B 395 -5.12 -16.31 4.42
C LEU B 395 -5.30 -15.46 3.17
N GLY B 396 -4.25 -15.39 2.35
CA GLY B 396 -4.30 -14.62 1.13
C GLY B 396 -5.39 -15.13 0.18
N ALA B 397 -5.59 -16.45 0.18
CA ALA B 397 -6.55 -17.09 -0.70
C ALA B 397 -7.99 -16.78 -0.30
N VAL B 398 -8.23 -16.48 0.99
CA VAL B 398 -9.60 -16.35 1.46
C VAL B 398 -9.91 -14.96 2.00
N ALA B 399 -8.94 -14.03 2.00
CA ALA B 399 -9.14 -12.74 2.66
C ALA B 399 -10.27 -11.90 2.00
N GLY B 400 -10.58 -12.19 0.73
CA GLY B 400 -11.64 -11.48 0.03
C GLY B 400 -12.88 -12.34 -0.25
N ARG B 401 -12.90 -13.57 0.25
CA ARG B 401 -13.90 -14.57 -0.13
C ARG B 401 -15.26 -14.20 0.42
N LEU B 402 -15.33 -14.01 1.75
CA LEU B 402 -16.58 -13.71 2.43
C LEU B 402 -17.16 -12.40 1.88
N ILE B 403 -16.30 -11.40 1.68
CA ILE B 403 -16.76 -10.09 1.27
C ILE B 403 -17.33 -10.17 -0.14
N ARG B 404 -16.68 -10.92 -1.02
CA ARG B 404 -17.15 -11.12 -2.40
C ARG B 404 -18.54 -11.76 -2.39
N GLN B 405 -18.75 -12.74 -1.50
CA GLN B 405 -20.04 -13.39 -1.38
C GLN B 405 -21.13 -12.41 -0.94
N THR B 406 -20.81 -11.45 -0.05
CA THR B 406 -21.78 -10.45 0.37
C THR B 406 -22.15 -9.55 -0.81
N LEU B 407 -21.18 -9.24 -1.68
CA LEU B 407 -21.42 -8.43 -2.86
C LEU B 407 -22.36 -9.17 -3.82
N GLU B 408 -22.20 -10.48 -3.91
CA GLU B 408 -22.99 -11.30 -4.83
C GLU B 408 -24.38 -11.57 -4.24
N LYS B 409 -24.46 -11.78 -2.91
CA LYS B 409 -25.70 -12.25 -2.31
C LYS B 409 -26.55 -11.09 -1.78
N PHE B 410 -25.94 -9.92 -1.53
CA PHE B 410 -26.67 -8.76 -1.02
C PHE B 410 -26.36 -7.51 -1.85
N PRO B 411 -26.55 -7.54 -3.19
CA PRO B 411 -26.24 -6.39 -4.03
C PRO B 411 -27.06 -5.14 -3.72
N GLU B 412 -28.33 -5.35 -3.35
CA GLU B 412 -29.23 -4.25 -3.05
C GLU B 412 -28.72 -3.47 -1.83
N GLU B 413 -28.17 -4.17 -0.86
CA GLU B 413 -27.68 -3.54 0.36
C GLU B 413 -26.41 -2.73 0.06
N TRP B 414 -25.54 -3.29 -0.79
CA TRP B 414 -24.33 -2.59 -1.20
C TRP B 414 -24.64 -1.34 -2.03
N GLU B 415 -25.70 -1.40 -2.85
CA GLU B 415 -26.05 -0.32 -3.76
C GLU B 415 -26.47 0.93 -2.98
N LYS B 416 -26.98 0.78 -1.75
CA LYS B 416 -27.41 1.93 -0.98
C LYS B 416 -26.19 2.75 -0.56
N TYR B 417 -25.08 2.08 -0.26
CA TYR B 417 -23.82 2.76 0.07
C TYR B 417 -23.24 3.43 -1.17
N ARG B 418 -23.48 2.84 -2.36
CA ARG B 418 -23.12 3.48 -3.62
C ARG B 418 -23.82 4.83 -3.73
N LYS B 419 -25.14 4.84 -3.45
CA LYS B 419 -25.97 6.03 -3.50
C LYS B 419 -25.38 7.07 -4.47
N GLU C 5 -5.40 37.55 14.39
CA GLU C 5 -4.28 38.28 15.04
C GLU C 5 -3.07 38.34 14.11
N PHE C 6 -2.74 37.20 13.49
CA PHE C 6 -1.71 37.15 12.46
C PHE C 6 -2.21 37.94 11.24
N GLU C 7 -1.36 38.85 10.73
CA GLU C 7 -1.64 39.56 9.51
C GLU C 7 -0.34 39.69 8.70
N PHE C 8 -0.49 39.68 7.37
CA PHE C 8 0.65 39.82 6.46
C PHE C 8 1.19 41.24 6.56
N PRO C 9 2.53 41.45 6.54
CA PRO C 9 3.10 42.79 6.40
C PRO C 9 2.64 43.41 5.09
N GLU C 10 2.66 44.74 5.02
CA GLU C 10 2.06 45.47 3.93
C GLU C 10 2.76 45.13 2.61
N GLU C 11 4.08 44.92 2.66
CA GLU C 11 4.88 44.66 1.46
C GLU C 11 4.44 43.34 0.81
N LEU C 12 4.22 42.32 1.63
CA LEU C 12 3.76 41.02 1.16
C LEU C 12 2.29 41.09 0.75
N LYS C 13 1.48 41.78 1.56
CA LYS C 13 0.05 41.88 1.30
C LYS C 13 -0.24 42.54 -0.04
N THR C 14 0.58 43.53 -0.43
CA THR C 14 0.38 44.24 -1.69
C THR C 14 0.65 43.30 -2.87
N LYS C 15 1.69 42.46 -2.75
CA LYS C 15 2.02 41.49 -3.77
C LYS C 15 0.94 40.42 -3.89
N LEU C 16 0.43 39.96 -2.73
CA LEU C 16 -0.64 38.97 -2.72
C LEU C 16 -1.86 39.51 -3.45
N GLN C 17 -2.21 40.78 -3.18
CA GLN C 17 -3.37 41.41 -3.81
C GLN C 17 -3.17 41.57 -5.31
N GLU C 18 -1.92 41.80 -5.72
CA GLU C 18 -1.58 41.93 -7.13
C GLU C 18 -1.85 40.60 -7.84
N HIS C 19 -1.48 39.47 -7.21
CA HIS C 19 -1.74 38.16 -7.76
C HIS C 19 -3.24 37.87 -7.82
N ILE C 20 -3.96 38.26 -6.77
CA ILE C 20 -5.39 37.98 -6.67
C ILE C 20 -6.16 38.72 -7.75
N ASN C 21 -5.73 39.95 -8.06
CA ASN C 21 -6.42 40.77 -9.06
C ASN C 21 -5.94 40.43 -10.48
N TYR C 22 -4.96 39.52 -10.64
CA TYR C 22 -4.31 39.30 -11.93
C TYR C 22 -5.19 38.44 -12.84
N PHE C 23 -5.64 37.28 -12.33
CA PHE C 23 -6.47 36.38 -13.12
C PHE C 23 -7.91 36.86 -13.10
N PRO C 24 -8.77 36.40 -14.04
CA PRO C 24 -10.20 36.75 -14.03
C PRO C 24 -10.93 36.37 -12.74
N LYS C 25 -10.50 35.26 -12.11
CA LYS C 25 -11.08 34.84 -10.83
C LYS C 25 -9.99 34.80 -9.77
N LYS C 26 -10.35 35.17 -8.54
CA LYS C 26 -9.42 35.33 -7.44
C LYS C 26 -8.77 34.01 -7.07
N ARG C 27 -9.57 32.93 -7.05
CA ARG C 27 -9.09 31.64 -6.58
C ARG C 27 -7.99 31.08 -7.48
N GLN C 28 -7.87 31.60 -8.71
CA GLN C 28 -6.88 31.09 -9.64
C GLN C 28 -5.47 31.46 -9.19
N ALA C 29 -5.35 32.37 -8.22
CA ALA C 29 -4.07 32.94 -7.82
C ALA C 29 -3.46 32.18 -6.64
N ILE C 30 -4.07 31.06 -6.23
CA ILE C 30 -3.70 30.41 -4.98
C ILE C 30 -2.22 29.99 -4.99
N LEU C 31 -1.73 29.42 -6.10
CA LEU C 31 -0.37 28.91 -6.14
C LEU C 31 0.63 30.07 -6.17
N LEU C 32 0.32 31.12 -6.93
CA LEU C 32 1.17 32.31 -6.99
C LEU C 32 1.29 32.93 -5.59
N CYS C 33 0.19 32.94 -4.85
CA CYS C 33 0.18 33.49 -3.50
C CYS C 33 1.06 32.67 -2.57
N LEU C 34 0.96 31.34 -2.64
CA LEU C 34 1.72 30.47 -1.76
C LEU C 34 3.21 30.58 -2.08
N HIS C 35 3.55 30.67 -3.36
CA HIS C 35 4.92 30.90 -3.79
C HIS C 35 5.46 32.16 -3.13
N GLU C 36 4.65 33.23 -3.16
CA GLU C 36 5.04 34.52 -2.60
C GLU C 36 5.22 34.43 -1.08
N ILE C 37 4.31 33.72 -0.41
CA ILE C 37 4.38 33.54 1.04
C ILE C 37 5.64 32.78 1.40
N GLN C 38 5.94 31.68 0.68
CA GLN C 38 7.08 30.87 1.01
C GLN C 38 8.37 31.66 0.78
N ASN C 39 8.41 32.46 -0.29
CA ASN C 39 9.58 33.28 -0.61
C ASN C 39 9.80 34.31 0.51
N TYR C 40 8.72 34.84 1.08
CA TYR C 40 8.82 35.88 2.09
C TYR C 40 9.32 35.29 3.43
N TYR C 41 8.68 34.21 3.90
CA TYR C 41 8.92 33.70 5.24
C TYR C 41 9.99 32.62 5.27
N GLY C 42 10.29 32.01 4.12
CA GLY C 42 11.17 30.85 4.07
C GLY C 42 10.42 29.55 4.33
N TYR C 43 9.09 29.64 4.42
CA TYR C 43 8.20 28.50 4.59
C TYR C 43 6.76 29.03 4.53
N ILE C 44 5.78 28.13 4.62
CA ILE C 44 4.37 28.52 4.71
C ILE C 44 3.97 28.47 6.18
N PRO C 45 3.80 29.63 6.86
CA PRO C 45 3.35 29.62 8.26
C PRO C 45 1.93 29.06 8.39
N PRO C 46 1.70 28.08 9.28
CA PRO C 46 0.34 27.61 9.60
C PRO C 46 -0.72 28.70 9.76
N GLU C 47 -0.31 29.85 10.33
CA GLU C 47 -1.21 30.94 10.65
C GLU C 47 -1.62 31.71 9.39
N SER C 48 -0.83 31.57 8.32
CA SER C 48 -1.00 32.37 7.11
C SER C 48 -2.17 31.87 6.25
N LEU C 49 -2.58 30.60 6.43
CA LEU C 49 -3.52 29.97 5.53
C LEU C 49 -4.90 30.62 5.61
N LYS C 50 -5.36 30.88 6.84
CA LYS C 50 -6.68 31.41 7.10
C LYS C 50 -6.87 32.77 6.42
N PRO C 51 -5.99 33.76 6.65
CA PRO C 51 -6.09 35.05 5.96
C PRO C 51 -5.96 34.95 4.44
N LEU C 52 -5.12 34.01 3.97
CA LEU C 52 -4.97 33.78 2.54
C LEU C 52 -6.30 33.29 1.96
N ALA C 53 -6.92 32.33 2.66
CA ALA C 53 -8.22 31.82 2.25
C ALA C 53 -9.24 32.94 2.11
N ASP C 54 -9.26 33.88 3.07
CA ASP C 54 -10.21 34.98 3.05
C ASP C 54 -9.97 35.88 1.83
N MET C 55 -8.70 36.16 1.53
CA MET C 55 -8.31 36.95 0.36
C MET C 55 -8.75 36.25 -0.93
N LEU C 56 -8.64 34.92 -0.97
CA LEU C 56 -8.99 34.13 -2.15
C LEU C 56 -10.49 33.85 -2.21
N GLU C 57 -11.22 34.15 -1.13
CA GLU C 57 -12.64 33.84 -1.00
C GLU C 57 -12.85 32.33 -1.12
N LEU C 58 -12.00 31.56 -0.44
CA LEU C 58 -12.07 30.10 -0.43
C LEU C 58 -12.24 29.61 1.02
N PRO C 59 -12.84 28.42 1.24
CA PRO C 59 -12.80 27.77 2.56
C PRO C 59 -11.37 27.42 2.96
N LEU C 60 -11.10 27.44 4.26
CA LEU C 60 -9.79 27.12 4.81
C LEU C 60 -9.36 25.71 4.36
N ASN C 61 -10.30 24.76 4.38
CA ASN C 61 -9.98 23.38 4.06
C ASN C 61 -9.44 23.26 2.63
N HIS C 62 -10.03 24.01 1.70
CA HIS C 62 -9.61 24.02 0.31
C HIS C 62 -8.12 24.41 0.23
N VAL C 63 -7.76 25.50 0.89
CA VAL C 63 -6.40 26.01 0.89
C VAL C 63 -5.46 24.97 1.52
N GLU C 64 -5.86 24.40 2.66
CA GLU C 64 -5.04 23.41 3.37
C GLU C 64 -4.79 22.19 2.48
N GLY C 65 -5.82 21.76 1.73
CA GLY C 65 -5.69 20.63 0.83
C GLY C 65 -4.69 20.92 -0.30
N VAL C 66 -4.69 22.16 -0.79
CA VAL C 66 -3.82 22.57 -1.89
C VAL C 66 -2.37 22.61 -1.40
N VAL C 67 -2.15 23.22 -0.24
CA VAL C 67 -0.82 23.29 0.37
C VAL C 67 -0.28 21.88 0.55
N ALA C 68 -1.15 20.96 1.00
CA ALA C 68 -0.76 19.59 1.28
C ALA C 68 -0.37 18.87 -0.01
N PHE C 69 -1.06 19.17 -1.11
CA PHE C 69 -0.91 18.45 -2.36
C PHE C 69 0.38 18.83 -3.07
N TYR C 70 0.76 20.12 -3.03
CA TYR C 70 1.84 20.64 -3.85
C TYR C 70 3.16 20.61 -3.07
N ASP C 71 4.19 20.03 -3.71
CA ASP C 71 5.39 19.59 -3.05
C ASP C 71 6.35 20.76 -2.76
N MET C 72 6.35 21.80 -3.62
CA MET C 72 7.25 22.93 -3.47
C MET C 72 7.05 23.60 -2.10
N PHE C 73 5.81 23.60 -1.61
CA PHE C 73 5.48 24.30 -0.37
C PHE C 73 5.88 23.46 0.84
N ASP C 74 6.37 24.15 1.88
CA ASP C 74 6.91 23.53 3.09
C ASP C 74 6.28 24.21 4.32
N ARG C 75 5.62 23.42 5.16
CA ARG C 75 5.04 23.91 6.39
C ARG C 75 5.99 23.71 7.57
N GLU C 76 6.90 22.73 7.46
CA GLU C 76 7.60 22.21 8.63
C GLU C 76 8.86 23.03 8.94
N ASP C 77 9.62 23.43 7.92
CA ASP C 77 10.94 24.01 8.15
C ASP C 77 11.09 25.38 7.50
N LYS C 78 11.54 26.35 8.32
CA LYS C 78 11.93 27.67 7.85
C LYS C 78 13.37 27.61 7.33
N ALA C 79 13.57 28.05 6.10
CA ALA C 79 14.90 28.16 5.52
C ALA C 79 14.96 29.35 4.58
N LYS C 80 16.00 30.17 4.73
CA LYS C 80 16.16 31.36 3.91
C LYS C 80 16.37 30.94 2.47
N TYR C 81 17.23 29.92 2.27
CA TYR C 81 17.58 29.44 0.95
C TYR C 81 17.36 27.94 0.87
N ARG C 82 16.51 27.52 -0.07
CA ARG C 82 16.29 26.11 -0.37
C ARG C 82 17.24 25.67 -1.48
N ILE C 83 18.09 24.69 -1.17
CA ILE C 83 18.92 24.04 -2.16
C ILE C 83 18.17 22.81 -2.68
N ARG C 84 17.54 22.96 -3.85
CA ARG C 84 16.81 21.88 -4.49
C ARG C 84 17.79 21.06 -5.32
N VAL C 85 17.98 19.79 -4.95
CA VAL C 85 18.95 18.94 -5.61
C VAL C 85 18.21 17.86 -6.41
N CYS C 86 18.50 17.79 -7.71
CA CYS C 86 17.89 16.78 -8.57
C CYS C 86 18.43 15.40 -8.20
N VAL C 87 17.50 14.46 -7.94
CA VAL C 87 17.86 13.11 -7.56
C VAL C 87 17.27 12.15 -8.58
N SER C 88 17.15 12.61 -9.82
CA SER C 88 16.51 11.87 -10.89
C SER C 88 17.56 11.34 -11.86
N ILE C 89 17.10 10.88 -13.03
CA ILE C 89 17.92 10.31 -14.08
C ILE C 89 17.77 11.21 -15.31
N PRO C 90 18.84 11.63 -16.00
CA PRO C 90 20.19 11.10 -15.79
C PRO C 90 21.17 11.79 -14.85
N CYS C 91 20.70 12.67 -13.98
CA CYS C 91 21.59 13.34 -13.04
C CYS C 91 22.37 12.32 -12.19
N HIS C 92 21.74 11.19 -11.85
CA HIS C 92 22.36 10.18 -11.01
C HIS C 92 23.62 9.60 -11.67
N LEU C 93 23.67 9.58 -13.00
CA LEU C 93 24.80 9.07 -13.76
C LEU C 93 25.94 10.08 -13.83
N MET C 94 25.67 11.35 -13.49
CA MET C 94 26.60 12.42 -13.83
C MET C 94 27.12 13.16 -12.59
N GLY C 95 26.84 12.62 -11.39
CA GLY C 95 27.55 13.05 -10.19
C GLY C 95 26.66 13.73 -9.15
N THR C 96 25.37 13.39 -9.09
CA THR C 96 24.53 13.85 -8.00
C THR C 96 25.19 13.50 -6.67
N ASN C 97 25.75 12.30 -6.55
CA ASN C 97 26.40 11.85 -5.33
C ASN C 97 27.52 12.80 -4.93
N LYS C 98 28.25 13.34 -5.91
CA LYS C 98 29.35 14.26 -5.64
C LYS C 98 28.82 15.60 -5.15
N LEU C 99 27.72 16.08 -5.73
CA LEU C 99 27.09 17.32 -5.30
C LEU C 99 26.66 17.23 -3.84
N LEU C 100 26.01 16.11 -3.49
CA LEU C 100 25.51 15.90 -2.13
C LEU C 100 26.67 15.79 -1.14
N LYS C 101 27.75 15.12 -1.55
CA LYS C 101 28.92 14.99 -0.71
C LYS C 101 29.52 16.39 -0.49
N ALA C 102 29.57 17.17 -1.57
CA ALA C 102 30.13 18.52 -1.51
C ALA C 102 29.27 19.40 -0.59
N LEU C 103 27.95 19.28 -0.69
CA LEU C 103 27.04 20.04 0.15
C LEU C 103 27.26 19.67 1.62
N GLU C 104 27.48 18.37 1.89
CA GLU C 104 27.68 17.90 3.25
C GLU C 104 28.99 18.48 3.80
N ASN C 105 30.05 18.50 2.97
CA ASN C 105 31.33 19.03 3.38
C ASN C 105 31.24 20.53 3.71
N ILE C 106 30.49 21.28 2.90
CA ILE C 106 30.42 22.73 3.06
C ILE C 106 29.47 23.09 4.19
N LEU C 107 28.24 22.54 4.17
CA LEU C 107 27.16 23.01 5.02
C LEU C 107 26.93 22.08 6.22
N GLY C 108 27.43 20.84 6.16
CA GLY C 108 27.30 19.90 7.26
C GLY C 108 25.91 19.27 7.35
N ILE C 109 25.18 19.24 6.22
CA ILE C 109 23.82 18.72 6.23
C ILE C 109 23.59 17.79 5.04
N LYS C 110 22.61 16.90 5.23
CA LYS C 110 22.17 15.94 4.24
C LYS C 110 20.81 16.33 3.70
N PRO C 111 20.29 15.67 2.63
CA PRO C 111 18.94 15.95 2.14
C PRO C 111 17.87 15.86 3.23
N GLY C 112 16.98 16.86 3.28
CA GLY C 112 15.91 16.90 4.25
C GLY C 112 16.26 17.75 5.46
N GLU C 113 17.53 18.12 5.61
CA GLU C 113 18.02 18.78 6.81
C GLU C 113 18.24 20.27 6.56
N VAL C 114 18.20 21.03 7.66
CA VAL C 114 18.37 22.48 7.68
C VAL C 114 19.60 22.80 8.53
N THR C 115 20.40 23.78 8.08
CA THR C 115 21.54 24.24 8.87
C THR C 115 21.04 24.84 10.17
N PRO C 116 21.82 24.79 11.27
CA PRO C 116 21.38 25.31 12.57
C PRO C 116 20.94 26.78 12.53
N ASP C 117 21.61 27.58 11.67
CA ASP C 117 21.34 29.00 11.54
C ASP C 117 20.03 29.24 10.79
N GLY C 118 19.49 28.21 10.13
CA GLY C 118 18.26 28.30 9.38
C GLY C 118 18.47 28.93 8.00
N LYS C 119 19.72 28.87 7.52
CA LYS C 119 20.09 29.57 6.29
C LYS C 119 19.80 28.68 5.08
N PHE C 120 20.21 27.40 5.16
CA PHE C 120 20.09 26.50 4.03
C PHE C 120 19.29 25.26 4.42
N LYS C 121 18.48 24.77 3.48
CA LYS C 121 17.88 23.46 3.55
C LYS C 121 18.09 22.74 2.22
N ILE C 122 18.51 21.47 2.29
CA ILE C 122 18.62 20.63 1.11
C ILE C 122 17.28 19.92 0.91
N VAL C 123 16.70 20.12 -0.29
CA VAL C 123 15.45 19.51 -0.69
C VAL C 123 15.71 18.61 -1.90
N PRO C 124 15.54 17.27 -1.80
CA PRO C 124 15.67 16.40 -2.97
C PRO C 124 14.42 16.51 -3.85
N VAL C 125 14.63 16.67 -5.17
CA VAL C 125 13.54 16.88 -6.11
C VAL C 125 13.77 15.99 -7.33
N GLN C 126 12.69 15.81 -8.09
CA GLN C 126 12.75 15.09 -9.36
C GLN C 126 13.32 16.03 -10.43
N CYS C 127 13.44 15.51 -11.65
CA CYS C 127 14.12 16.18 -12.76
C CYS C 127 13.75 17.66 -12.85
N LEU C 128 14.80 18.51 -12.91
CA LEU C 128 14.65 19.96 -12.95
C LEU C 128 14.57 20.46 -14.39
N GLY C 129 14.57 19.55 -15.37
CA GLY C 129 14.50 19.93 -16.77
C GLY C 129 15.75 20.68 -17.22
N ALA C 130 16.92 20.21 -16.78
CA ALA C 130 18.19 20.76 -17.21
C ALA C 130 19.22 19.64 -17.36
N CYS C 131 18.77 18.50 -17.91
CA CYS C 131 19.47 17.23 -17.77
C CYS C 131 20.79 17.23 -18.54
N SER C 132 20.88 18.01 -19.61
CA SER C 132 22.08 18.09 -20.42
C SER C 132 23.23 18.72 -19.61
N GLU C 133 22.90 19.43 -18.53
CA GLU C 133 23.89 20.11 -17.70
C GLU C 133 23.97 19.47 -16.31
N ALA C 134 23.69 18.17 -16.23
CA ALA C 134 23.71 17.45 -14.98
C ALA C 134 25.11 17.44 -14.36
N PRO C 135 25.26 17.32 -13.02
CA PRO C 135 24.11 17.24 -12.10
C PRO C 135 23.63 18.65 -11.70
N MET C 136 22.32 18.77 -11.51
CA MET C 136 21.66 20.07 -11.43
C MET C 136 21.14 20.34 -10.02
N PHE C 137 21.15 21.62 -9.64
CA PHE C 137 20.55 22.06 -8.40
C PHE C 137 20.06 23.50 -8.54
N MET C 138 19.17 23.88 -7.61
CA MET C 138 18.72 25.25 -7.50
C MET C 138 19.00 25.78 -6.09
N VAL C 139 19.24 27.10 -6.01
CA VAL C 139 19.24 27.82 -4.76
C VAL C 139 18.12 28.85 -4.85
N ASN C 140 17.02 28.62 -4.13
CA ASN C 140 15.77 29.34 -4.38
C ASN C 140 15.52 29.33 -5.89
N ASP C 141 15.41 30.49 -6.53
CA ASP C 141 15.02 30.57 -7.93
C ASP C 141 16.19 30.37 -8.89
N ASP C 142 17.43 30.51 -8.39
CA ASP C 142 18.61 30.39 -9.21
C ASP C 142 18.92 28.92 -9.44
N GLU C 143 19.36 28.60 -10.67
CA GLU C 143 19.66 27.23 -11.05
C GLU C 143 21.05 27.13 -11.65
N TYR C 144 21.77 26.06 -11.26
CA TYR C 144 23.18 25.91 -11.58
C TYR C 144 23.53 24.43 -11.80
N LYS C 145 24.47 24.17 -12.71
CA LYS C 145 25.15 22.90 -12.78
C LYS C 145 26.27 22.84 -11.74
N PHE C 146 26.41 21.68 -11.09
CA PHE C 146 27.49 21.45 -10.14
C PHE C 146 28.72 20.98 -10.91
N GLU C 147 29.86 21.66 -10.70
CA GLU C 147 31.13 21.30 -11.30
C GLU C 147 32.02 20.63 -10.25
N SER C 148 32.15 21.26 -9.07
CA SER C 148 33.10 20.83 -8.06
C SER C 148 32.80 21.53 -6.73
N GLU C 149 33.46 21.05 -5.66
CA GLU C 149 33.30 21.62 -4.34
C GLU C 149 33.77 23.07 -4.30
N VAL C 150 34.91 23.36 -4.93
CA VAL C 150 35.44 24.71 -4.95
C VAL C 150 34.45 25.64 -5.64
N GLN C 151 33.88 25.18 -6.77
CA GLN C 151 32.93 25.96 -7.55
C GLN C 151 31.63 26.15 -6.76
N LEU C 152 31.13 25.07 -6.14
CA LEU C 152 29.90 25.11 -5.37
C LEU C 152 30.07 26.06 -4.18
N ASN C 153 31.22 26.01 -3.53
CA ASN C 153 31.47 26.86 -2.38
C ASN C 153 31.34 28.33 -2.76
N GLU C 154 31.93 28.71 -3.90
CA GLU C 154 31.86 30.07 -4.40
C GLU C 154 30.40 30.46 -4.64
N ILE C 155 29.61 29.58 -5.26
CA ILE C 155 28.21 29.89 -5.55
C ILE C 155 27.45 30.15 -4.25
N LEU C 156 27.62 29.30 -3.23
CA LEU C 156 26.87 29.40 -1.99
C LEU C 156 27.24 30.67 -1.23
N SER C 157 28.50 31.14 -1.37
CA SER C 157 28.96 32.36 -0.71
C SER C 157 28.23 33.60 -1.21
N ARG C 158 27.54 33.52 -2.35
CA ARG C 158 26.79 34.65 -2.88
C ARG C 158 25.47 34.86 -2.14
N TYR C 159 25.04 33.86 -1.35
CA TYR C 159 23.79 33.94 -0.60
C TYR C 159 24.11 34.23 0.86
N THR C 160 23.79 35.45 1.32
CA THR C 160 24.12 35.90 2.65
C THR C 160 22.88 35.90 3.53
N ARG D 2 21.58 41.56 -13.34
CA ARG D 2 20.75 40.55 -14.06
C ARG D 2 19.26 40.74 -13.72
N SER D 3 18.41 40.60 -14.75
CA SER D 3 16.98 40.81 -14.61
C SER D 3 16.30 39.55 -14.09
N TYR D 4 16.85 38.39 -14.44
CA TYR D 4 16.19 37.11 -14.21
C TYR D 4 17.03 36.21 -13.32
N PRO D 5 16.40 35.21 -12.67
CA PRO D 5 17.17 34.19 -11.94
C PRO D 5 18.14 33.50 -12.89
N ALA D 6 19.26 33.01 -12.33
CA ALA D 6 20.26 32.29 -13.09
C ALA D 6 19.67 31.00 -13.64
N ILE D 7 20.02 30.69 -14.90
CA ILE D 7 19.64 29.44 -15.55
C ILE D 7 20.87 28.91 -16.26
N PRO D 8 21.07 27.58 -16.35
CA PRO D 8 22.22 27.02 -17.06
C PRO D 8 22.09 27.27 -18.55
N ARG D 9 23.23 27.37 -19.24
CA ARG D 9 23.25 27.65 -20.67
C ARG D 9 23.26 26.32 -21.43
N ILE D 10 22.08 25.74 -21.58
CA ILE D 10 21.91 24.47 -22.27
C ILE D 10 22.30 24.64 -23.74
N TYR D 11 23.12 23.70 -24.23
CA TYR D 11 23.56 23.71 -25.61
C TYR D 11 22.39 23.40 -26.54
N ALA D 12 22.31 24.14 -27.65
CA ALA D 12 21.27 23.98 -28.65
C ALA D 12 21.87 24.09 -30.05
N GLU D 13 21.43 23.21 -30.96
CA GLU D 13 21.94 23.14 -32.32
C GLU D 13 20.78 22.78 -33.27
N THR D 14 20.81 23.33 -34.50
CA THR D 14 19.73 23.15 -35.47
C THR D 14 20.30 22.96 -36.87
N THR D 15 19.66 22.07 -37.65
CA THR D 15 19.94 21.92 -39.07
C THR D 15 18.85 22.61 -39.91
N LEU D 16 17.80 23.14 -39.25
CA LEU D 16 16.65 23.65 -39.97
C LEU D 16 16.47 25.15 -39.76
N ASN D 17 16.95 25.67 -38.62
CA ASN D 17 16.98 27.10 -38.34
C ASN D 17 15.56 27.65 -38.27
N MET D 18 14.68 26.96 -37.55
CA MET D 18 13.28 27.35 -37.41
C MET D 18 13.02 27.68 -35.93
N LEU D 19 12.67 26.67 -35.13
CA LEU D 19 12.38 26.86 -33.71
C LEU D 19 13.60 27.39 -32.95
N LEU D 20 14.81 27.02 -33.38
CA LEU D 20 16.04 27.42 -32.69
C LEU D 20 16.80 28.50 -33.47
N LYS D 21 16.16 29.15 -34.45
CA LYS D 21 16.82 30.22 -35.18
C LYS D 21 17.42 31.24 -34.21
N ARG D 22 16.64 31.64 -33.19
CA ARG D 22 17.14 32.54 -32.16
C ARG D 22 17.55 31.78 -30.90
N ALA D 23 16.82 30.68 -30.60
CA ALA D 23 16.99 29.96 -29.35
C ALA D 23 18.29 29.15 -29.32
N LYS D 24 19.02 29.08 -30.43
CA LYS D 24 20.34 28.47 -30.42
C LYS D 24 21.33 29.30 -29.59
N LYS D 25 21.05 30.60 -29.40
CA LYS D 25 21.83 31.45 -28.53
C LYS D 25 21.21 31.46 -27.13
N PRO D 26 21.99 31.20 -26.07
CA PRO D 26 21.42 31.09 -24.72
C PRO D 26 21.20 32.43 -24.03
N ARG D 27 20.21 33.19 -24.52
CA ARG D 27 19.89 34.51 -24.02
C ARG D 27 18.46 34.87 -24.43
N VAL D 28 17.86 35.81 -23.70
CA VAL D 28 16.52 36.30 -23.97
C VAL D 28 16.54 37.18 -25.22
N HIS D 29 15.71 36.82 -26.20
CA HIS D 29 15.50 37.64 -27.38
C HIS D 29 14.22 38.44 -27.17
N SER D 30 14.37 39.74 -26.93
CA SER D 30 13.24 40.63 -26.68
C SER D 30 12.61 41.06 -28.00
N ILE D 31 11.52 41.84 -27.89
CA ILE D 31 10.59 42.01 -29.00
C ILE D 31 11.26 42.74 -30.16
N ASP D 32 12.13 43.72 -29.89
CA ASP D 32 12.78 44.46 -30.96
C ASP D 32 13.59 43.53 -31.86
N GLU D 33 14.35 42.62 -31.22
CA GLU D 33 15.13 41.64 -31.94
C GLU D 33 14.23 40.69 -32.72
N TYR D 34 13.10 40.30 -32.10
CA TYR D 34 12.16 39.39 -32.74
C TYR D 34 11.54 40.05 -33.97
N LEU D 35 11.16 41.32 -33.83
CA LEU D 35 10.56 42.08 -34.92
C LEU D 35 11.53 42.22 -36.09
N LYS D 36 12.84 42.34 -35.81
CA LYS D 36 13.84 42.46 -36.87
C LYS D 36 13.92 41.18 -37.71
N ASP D 37 13.54 40.04 -37.12
CA ASP D 37 13.50 38.78 -37.86
C ASP D 37 12.17 38.57 -38.59
N GLY D 38 11.29 39.58 -38.59
CA GLY D 38 9.99 39.44 -39.22
C GLY D 38 8.95 38.90 -38.24
N GLY D 39 9.25 38.98 -36.94
CA GLY D 39 8.33 38.53 -35.90
C GLY D 39 6.98 39.26 -35.94
N TYR D 40 5.92 38.51 -35.61
CA TYR D 40 4.55 38.98 -35.51
C TYR D 40 3.95 39.25 -36.90
N GLN D 41 4.71 39.02 -37.98
CA GLN D 41 4.18 39.19 -39.32
C GLN D 41 3.28 38.01 -39.70
N ALA D 42 3.55 36.83 -39.14
CA ALA D 42 2.65 35.69 -39.30
C ALA D 42 1.32 35.98 -38.62
N LEU D 43 1.36 36.60 -37.43
CA LEU D 43 0.14 37.01 -36.74
C LEU D 43 -0.66 37.97 -37.62
N GLU D 44 0.01 38.99 -38.17
CA GLU D 44 -0.64 39.98 -39.00
C GLU D 44 -1.32 39.33 -40.19
N LYS D 45 -0.67 38.34 -40.80
CA LYS D 45 -1.23 37.59 -41.91
C LYS D 45 -2.42 36.76 -41.44
N ALA D 46 -2.29 36.12 -40.26
CA ALA D 46 -3.33 35.28 -39.70
C ALA D 46 -4.61 36.08 -39.45
N LEU D 47 -4.49 37.32 -38.98
CA LEU D 47 -5.65 38.13 -38.64
C LEU D 47 -6.39 38.56 -39.91
N ASN D 48 -5.78 38.44 -41.09
CA ASN D 48 -6.46 38.75 -42.34
C ASN D 48 -7.09 37.51 -42.96
N MET D 49 -6.85 36.33 -42.36
CA MET D 49 -7.50 35.09 -42.76
C MET D 49 -8.66 34.82 -41.80
N SER D 50 -9.61 33.97 -42.22
CA SER D 50 -10.67 33.53 -41.35
C SER D 50 -10.12 32.52 -40.33
N PRO D 51 -10.69 32.44 -39.11
CA PRO D 51 -10.31 31.38 -38.17
C PRO D 51 -10.33 30.00 -38.81
N GLU D 52 -11.33 29.75 -39.67
CA GLU D 52 -11.54 28.47 -40.32
C GLU D 52 -10.38 28.12 -41.25
N GLU D 53 -9.85 29.14 -41.94
CA GLU D 53 -8.75 28.96 -42.88
C GLU D 53 -7.48 28.58 -42.12
N ILE D 54 -7.25 29.22 -40.96
CA ILE D 54 -6.08 28.92 -40.13
C ILE D 54 -6.13 27.47 -39.67
N ILE D 55 -7.30 27.03 -39.20
CA ILE D 55 -7.46 25.66 -38.74
C ILE D 55 -7.13 24.73 -39.91
N ASP D 56 -7.67 25.04 -41.10
CA ASP D 56 -7.45 24.23 -42.28
C ASP D 56 -5.96 24.07 -42.57
N TRP D 57 -5.20 25.17 -42.46
CA TRP D 57 -3.77 25.16 -42.75
C TRP D 57 -3.02 24.31 -41.74
N VAL D 58 -3.35 24.50 -40.45
CA VAL D 58 -2.71 23.74 -39.40
C VAL D 58 -3.02 22.26 -39.60
N ASP D 59 -4.26 21.96 -40.01
CA ASP D 59 -4.66 20.59 -40.28
C ASP D 59 -3.85 20.02 -41.46
N LYS D 60 -3.81 20.77 -42.57
CA LYS D 60 -3.13 20.29 -43.76
C LYS D 60 -1.62 20.22 -43.56
N SER D 61 -1.07 20.98 -42.60
CA SER D 61 0.35 20.93 -42.29
C SER D 61 0.78 19.55 -41.77
N THR D 62 -0.17 18.78 -41.21
CA THR D 62 0.02 17.49 -40.57
C THR D 62 0.69 17.65 -39.21
N LEU D 63 0.74 18.88 -38.68
CA LEU D 63 1.31 19.10 -37.36
C LEU D 63 0.64 18.17 -36.34
N ARG D 64 1.47 17.51 -35.53
CA ARG D 64 1.03 16.64 -34.45
C ARG D 64 1.54 17.18 -33.12
N GLY D 65 0.81 16.85 -32.05
CA GLY D 65 1.13 17.30 -30.71
C GLY D 65 2.53 16.86 -30.31
N ARG D 66 3.26 17.78 -29.67
CA ARG D 66 4.64 17.53 -29.27
C ARG D 66 4.73 17.20 -27.78
N GLY D 67 3.58 17.08 -27.10
CA GLY D 67 3.56 16.85 -25.67
C GLY D 67 3.62 15.38 -25.29
N GLY D 68 3.61 14.48 -26.30
CA GLY D 68 3.95 13.10 -26.08
C GLY D 68 2.90 12.14 -26.63
N ALA D 69 1.67 12.63 -26.86
CA ALA D 69 0.58 11.80 -27.36
C ALA D 69 0.46 11.89 -28.88
N GLY D 70 1.02 12.94 -29.50
CA GLY D 70 1.11 12.99 -30.96
C GLY D 70 -0.25 13.11 -31.65
N PHE D 71 -1.22 13.80 -31.02
CA PHE D 71 -2.55 13.93 -31.59
C PHE D 71 -2.56 15.06 -32.63
N PRO D 72 -3.21 14.87 -33.81
CA PRO D 72 -3.20 15.90 -34.85
C PRO D 72 -3.78 17.23 -34.37
N THR D 73 -2.96 18.30 -34.47
CA THR D 73 -3.29 19.58 -33.87
C THR D 73 -4.53 20.16 -34.55
N GLY D 74 -4.55 20.15 -35.90
CA GLY D 74 -5.65 20.70 -36.66
C GLY D 74 -6.99 20.07 -36.28
N LYS D 75 -7.03 18.73 -36.18
CA LYS D 75 -8.22 17.99 -35.82
C LYS D 75 -8.69 18.40 -34.41
N LYS D 76 -7.74 18.51 -33.47
CA LYS D 76 -8.08 18.95 -32.12
C LYS D 76 -8.82 20.29 -32.16
N TRP D 77 -8.29 21.25 -32.91
CA TRP D 77 -8.88 22.57 -32.98
C TRP D 77 -10.27 22.51 -33.62
N LYS D 78 -10.44 21.65 -34.63
CA LYS D 78 -11.72 21.49 -35.29
C LYS D 78 -12.77 20.98 -34.31
N PHE D 79 -12.39 20.02 -33.45
CA PHE D 79 -13.29 19.50 -32.44
C PHE D 79 -13.77 20.64 -31.53
N ALA D 80 -12.83 21.49 -31.09
CA ALA D 80 -13.14 22.55 -30.14
C ALA D 80 -14.20 23.50 -30.69
N VAL D 81 -14.09 23.87 -31.98
CA VAL D 81 -14.91 24.92 -32.55
C VAL D 81 -16.28 24.38 -32.98
N GLN D 82 -16.52 23.07 -32.84
CA GLN D 82 -17.85 22.52 -33.04
C GLN D 82 -18.77 22.86 -31.87
N ASN D 83 -18.18 23.19 -30.71
CA ASN D 83 -18.92 23.47 -29.49
C ASN D 83 -19.00 24.97 -29.29
N PRO D 84 -20.13 25.54 -28.81
CA PRO D 84 -20.29 26.98 -28.70
C PRO D 84 -19.33 27.61 -27.69
N GLY D 85 -18.92 28.85 -27.99
CA GLY D 85 -18.04 29.62 -27.13
C GLY D 85 -18.73 30.01 -25.83
N PRO D 86 -18.03 30.68 -24.89
CA PRO D 86 -16.61 30.99 -25.05
C PRO D 86 -15.65 29.81 -24.94
N ARG D 87 -14.48 29.95 -25.56
CA ARG D 87 -13.46 28.92 -25.59
C ARG D 87 -12.19 29.44 -24.94
N TYR D 88 -11.38 28.51 -24.41
CA TYR D 88 -10.12 28.83 -23.78
C TYR D 88 -8.98 28.11 -24.50
N PHE D 89 -7.83 28.77 -24.55
CA PHE D 89 -6.64 28.19 -25.11
C PHE D 89 -5.57 28.15 -24.02
N ILE D 90 -4.92 27.00 -23.89
CA ILE D 90 -3.93 26.77 -22.85
C ILE D 90 -2.65 26.26 -23.50
N CYS D 91 -1.55 26.95 -23.19
CA CYS D 91 -0.21 26.47 -23.51
C CYS D 91 0.35 25.71 -22.31
N ASN D 92 0.63 24.42 -22.52
CA ASN D 92 1.15 23.53 -21.49
C ASN D 92 2.68 23.61 -21.44
N ALA D 93 3.20 24.27 -20.41
CA ALA D 93 4.64 24.41 -20.20
C ALA D 93 5.07 23.78 -18.89
N ASP D 94 4.49 22.62 -18.55
CA ASP D 94 4.79 21.96 -17.28
C ASP D 94 6.02 21.06 -17.38
N GLU D 95 6.51 20.78 -18.60
CA GLU D 95 7.68 19.96 -18.87
C GLU D 95 8.43 19.52 -17.61
N SER D 96 8.11 18.32 -17.10
CA SER D 96 8.71 17.80 -15.87
C SER D 96 9.11 16.32 -15.97
N GLU D 97 9.06 15.74 -17.17
CA GLU D 97 9.44 14.35 -17.36
C GLU D 97 10.96 14.23 -17.40
N PRO D 98 11.58 13.24 -16.72
CA PRO D 98 13.03 13.02 -16.80
C PRO D 98 13.59 13.08 -18.22
N GLY D 99 14.62 13.91 -18.42
CA GLY D 99 15.30 13.97 -19.70
C GLY D 99 14.76 15.08 -20.60
N THR D 100 13.63 15.69 -20.22
CA THR D 100 12.90 16.55 -21.14
C THR D 100 13.13 18.02 -20.76
N PHE D 101 13.82 18.74 -21.63
CA PHE D 101 14.16 20.14 -21.39
C PHE D 101 14.08 20.93 -22.70
N LYS D 102 13.25 20.45 -23.63
CA LYS D 102 13.12 21.09 -24.93
C LYS D 102 12.29 22.37 -24.86
N ASP D 103 11.21 22.36 -24.07
CA ASP D 103 10.28 23.48 -24.06
C ASP D 103 10.90 24.72 -23.43
N ARG D 104 11.76 24.54 -22.42
CA ARG D 104 12.29 25.67 -21.67
C ARG D 104 13.17 26.56 -22.53
N ILE D 105 13.83 26.03 -23.56
CA ILE D 105 14.74 26.86 -24.32
C ILE D 105 13.95 27.77 -25.27
N ILE D 106 12.75 27.36 -25.70
CA ILE D 106 11.86 28.26 -26.43
C ILE D 106 11.40 29.39 -25.50
N ILE D 107 10.92 29.02 -24.31
CA ILE D 107 10.35 29.95 -23.34
C ILE D 107 11.37 31.02 -22.95
N GLU D 108 12.57 30.61 -22.56
CA GLU D 108 13.56 31.50 -21.96
C GLU D 108 14.29 32.33 -23.01
N ARG D 109 14.37 31.89 -24.27
CA ARG D 109 15.21 32.54 -25.26
C ARG D 109 14.39 33.20 -26.37
N ASP D 110 13.27 32.61 -26.75
CA ASP D 110 12.47 33.10 -27.85
C ASP D 110 11.01 33.15 -27.42
N PRO D 111 10.68 33.83 -26.30
CA PRO D 111 9.30 33.88 -25.81
C PRO D 111 8.30 34.41 -26.82
N HIS D 112 8.72 35.32 -27.71
CA HIS D 112 7.80 35.94 -28.65
C HIS D 112 7.36 34.96 -29.74
N LEU D 113 8.20 33.96 -30.05
CA LEU D 113 7.79 32.90 -30.95
C LEU D 113 6.59 32.17 -30.36
N LEU D 114 6.68 31.79 -29.07
CA LEU D 114 5.61 31.11 -28.37
C LEU D 114 4.37 32.01 -28.29
N ILE D 115 4.55 33.26 -27.89
CA ILE D 115 3.45 34.19 -27.74
C ILE D 115 2.74 34.38 -29.08
N GLU D 116 3.49 34.57 -30.17
CA GLU D 116 2.91 34.74 -31.49
C GLU D 116 2.04 33.53 -31.83
N GLY D 117 2.56 32.33 -31.54
CA GLY D 117 1.83 31.09 -31.79
C GLY D 117 0.56 30.99 -30.94
N ILE D 118 0.62 31.45 -29.69
CA ILE D 118 -0.55 31.42 -28.82
C ILE D 118 -1.63 32.34 -29.38
N ILE D 119 -1.23 33.50 -29.93
CA ILE D 119 -2.22 34.47 -30.37
C ILE D 119 -2.92 33.94 -31.63
N ILE D 120 -2.14 33.35 -32.55
CA ILE D 120 -2.68 32.81 -33.78
C ILE D 120 -3.64 31.66 -33.44
N SER D 121 -3.22 30.79 -32.52
CA SER D 121 -3.98 29.61 -32.14
C SER D 121 -5.29 30.01 -31.47
N SER D 122 -5.22 31.00 -30.56
CA SER D 122 -6.37 31.52 -29.86
C SER D 122 -7.39 32.10 -30.84
N TYR D 123 -6.90 32.87 -31.82
CA TYR D 123 -7.78 33.46 -32.83
C TYR D 123 -8.44 32.35 -33.66
N ALA D 124 -7.69 31.29 -33.94
CA ALA D 124 -8.19 30.19 -34.75
C ALA D 124 -9.39 29.53 -34.08
N ILE D 125 -9.38 29.41 -32.74
CA ILE D 125 -10.46 28.73 -32.05
C ILE D 125 -11.40 29.71 -31.37
N GLY D 126 -11.21 31.02 -31.60
CA GLY D 126 -12.10 32.04 -31.03
C GLY D 126 -11.99 32.15 -29.52
N ALA D 127 -10.79 31.87 -28.96
CA ALA D 127 -10.53 32.08 -27.54
C ALA D 127 -10.07 33.51 -27.30
N ASN D 128 -10.72 34.20 -26.36
CA ASN D 128 -10.35 35.57 -26.00
C ASN D 128 -9.53 35.57 -24.70
N GLU D 129 -9.33 34.38 -24.12
CA GLU D 129 -8.57 34.22 -22.89
C GLU D 129 -7.67 33.00 -23.05
N ALA D 130 -6.36 33.21 -22.86
CA ALA D 130 -5.37 32.15 -22.98
C ALA D 130 -4.48 32.12 -21.74
N TYR D 131 -3.94 30.93 -21.47
CA TYR D 131 -3.07 30.71 -20.33
C TYR D 131 -1.79 30.01 -20.76
N ILE D 132 -0.69 30.37 -20.12
CA ILE D 132 0.49 29.53 -20.10
C ILE D 132 0.62 28.94 -18.70
N TYR D 133 0.63 27.61 -18.59
CA TYR D 133 0.88 26.97 -17.30
C TYR D 133 2.31 26.47 -17.31
N ILE D 134 3.16 27.12 -16.51
CA ILE D 134 4.58 26.80 -16.48
C ILE D 134 4.92 26.24 -15.10
N ARG D 135 5.78 25.21 -15.08
CA ARG D 135 6.13 24.54 -13.83
C ARG D 135 6.82 25.53 -12.89
N GLY D 136 6.61 25.33 -11.59
CA GLY D 136 7.16 26.20 -10.57
C GLY D 136 8.69 26.25 -10.57
N GLU D 137 9.35 25.21 -11.11
CA GLU D 137 10.81 25.12 -11.11
C GLU D 137 11.41 25.84 -12.32
N TYR D 138 10.58 26.49 -13.13
CA TYR D 138 11.06 27.39 -14.17
C TYR D 138 10.72 28.84 -13.81
N PRO D 139 11.30 29.39 -12.72
CA PRO D 139 10.97 30.76 -12.32
C PRO D 139 11.43 31.79 -13.35
N ALA D 140 12.60 31.56 -13.96
CA ALA D 140 13.12 32.48 -14.96
C ALA D 140 12.18 32.53 -16.16
N GLY D 141 11.74 31.34 -16.61
CA GLY D 141 10.76 31.23 -17.67
C GLY D 141 9.50 32.04 -17.38
N TYR D 142 8.97 31.90 -16.16
CA TYR D 142 7.80 32.63 -15.72
C TYR D 142 8.00 34.14 -15.91
N TYR D 143 9.11 34.68 -15.37
CA TYR D 143 9.33 36.12 -15.35
C TYR D 143 9.59 36.65 -16.77
N ILE D 144 10.29 35.85 -17.59
CA ILE D 144 10.58 36.20 -18.97
C ILE D 144 9.29 36.29 -19.78
N LEU D 145 8.37 35.35 -19.57
CA LEU D 145 7.09 35.35 -20.27
C LEU D 145 6.25 36.55 -19.83
N ARG D 146 6.22 36.87 -18.54
CA ARG D 146 5.47 38.01 -18.05
C ARG D 146 5.96 39.29 -18.75
N ASP D 147 7.28 39.44 -18.84
CA ASP D 147 7.88 40.62 -19.46
C ASP D 147 7.58 40.65 -20.96
N ALA D 148 7.71 39.50 -21.63
CA ALA D 148 7.50 39.43 -23.07
C ALA D 148 6.02 39.72 -23.41
N ILE D 149 5.09 39.29 -22.56
CA ILE D 149 3.67 39.55 -22.76
C ILE D 149 3.40 41.06 -22.65
N GLU D 150 4.04 41.75 -21.68
CA GLU D 150 3.86 43.19 -21.54
C GLU D 150 4.39 43.92 -22.78
N GLU D 151 5.52 43.43 -23.32
CA GLU D 151 6.11 43.99 -24.53
C GLU D 151 5.12 43.86 -25.70
N ALA D 152 4.51 42.67 -25.84
CA ALA D 152 3.54 42.40 -26.89
C ALA D 152 2.33 43.33 -26.75
N LYS D 153 1.86 43.50 -25.50
CA LYS D 153 0.73 44.36 -25.20
C LYS D 153 1.04 45.78 -25.68
N LYS D 154 2.21 46.28 -25.27
CA LYS D 154 2.67 47.62 -25.62
C LYS D 154 2.72 47.85 -27.13
N LYS D 155 3.02 46.81 -27.90
CA LYS D 155 3.13 46.92 -29.36
C LYS D 155 1.79 46.65 -30.05
N GLY D 156 0.74 46.34 -29.28
CA GLY D 156 -0.61 46.21 -29.79
C GLY D 156 -0.91 44.82 -30.32
N PHE D 157 -0.13 43.81 -29.91
CA PHE D 157 -0.36 42.44 -30.35
C PHE D 157 -1.30 41.71 -29.40
N LEU D 158 -1.60 42.31 -28.26
CA LEU D 158 -2.55 41.77 -27.28
C LEU D 158 -3.48 42.88 -26.81
N GLY D 159 -4.54 42.50 -26.11
CA GLY D 159 -5.54 43.47 -25.67
C GLY D 159 -6.79 43.37 -26.53
N LYS D 160 -7.59 44.43 -26.53
CA LYS D 160 -8.83 44.46 -27.29
C LYS D 160 -8.54 44.91 -28.71
N ASN D 161 -9.26 44.33 -29.69
CA ASN D 161 -9.28 44.82 -31.05
C ASN D 161 -7.86 44.82 -31.62
N ILE D 162 -7.22 43.65 -31.60
CA ILE D 162 -5.80 43.54 -31.92
C ILE D 162 -5.59 43.89 -33.39
N LEU D 163 -4.81 44.94 -33.63
CA LEU D 163 -4.44 45.40 -34.96
C LEU D 163 -5.69 45.64 -35.81
N GLY D 164 -6.77 46.12 -35.16
CA GLY D 164 -7.99 46.52 -35.85
C GLY D 164 -8.82 45.33 -36.35
N SER D 165 -8.50 44.10 -35.90
CA SER D 165 -9.14 42.89 -36.39
C SER D 165 -10.46 42.60 -35.70
N GLY D 166 -10.75 43.27 -34.57
CA GLY D 166 -11.92 42.93 -33.77
C GLY D 166 -11.67 41.75 -32.83
N PHE D 167 -10.47 41.18 -32.85
CA PHE D 167 -10.13 40.06 -31.98
C PHE D 167 -9.51 40.56 -30.69
N ASP D 168 -10.04 40.09 -29.56
CA ASP D 168 -9.54 40.43 -28.23
C ASP D 168 -8.83 39.22 -27.62
N LEU D 169 -7.70 39.46 -26.95
CA LEU D 169 -6.99 38.38 -26.28
C LEU D 169 -6.18 38.95 -25.11
N GLU D 170 -6.24 38.24 -23.97
CA GLU D 170 -5.31 38.39 -22.87
C GLU D 170 -4.67 37.04 -22.61
N ILE D 171 -3.36 37.05 -22.28
CA ILE D 171 -2.65 35.84 -21.90
C ILE D 171 -2.26 35.95 -20.42
N TYR D 172 -2.62 34.93 -19.63
CA TYR D 172 -2.28 34.88 -18.21
C TYR D 172 -1.24 33.77 -17.98
N VAL D 173 -0.23 34.06 -17.17
CA VAL D 173 0.79 33.08 -16.85
C VAL D 173 0.52 32.55 -15.45
N ALA D 174 0.32 31.23 -15.36
CA ALA D 174 0.13 30.52 -14.13
C ALA D 174 1.39 29.70 -13.84
N ARG D 175 1.63 29.41 -12.56
CA ARG D 175 2.78 28.62 -12.15
C ARG D 175 2.34 27.34 -11.45
N GLY D 176 3.02 26.24 -11.78
CA GLY D 176 2.87 25.01 -11.03
C GLY D 176 3.60 25.09 -9.69
N ALA D 177 3.51 24.02 -8.89
CA ALA D 177 4.07 24.02 -7.56
C ALA D 177 4.60 22.63 -7.19
N GLY D 178 5.20 21.94 -8.15
CA GLY D 178 6.06 20.80 -7.88
C GLY D 178 5.46 19.43 -8.21
N ALA D 179 4.41 19.40 -9.04
CA ALA D 179 3.68 18.17 -9.31
C ALA D 179 3.67 17.88 -10.82
N TYR D 180 4.36 16.81 -11.22
CA TYR D 180 4.42 16.37 -12.59
C TYR D 180 3.04 16.12 -13.17
N ILE D 181 2.09 15.68 -12.32
CA ILE D 181 0.76 15.32 -12.77
C ILE D 181 0.04 16.53 -13.37
N CYS D 182 0.43 17.75 -12.97
CA CYS D 182 -0.21 18.96 -13.47
C CYS D 182 0.08 19.18 -14.95
N GLY D 183 1.02 18.42 -15.52
CA GLY D 183 1.23 18.39 -16.96
C GLY D 183 0.11 17.66 -17.70
N GLU D 184 -0.54 16.70 -17.04
CA GLU D 184 -1.69 16.03 -17.64
C GLU D 184 -2.78 17.09 -17.81
N GLU D 185 -3.43 17.12 -18.97
CA GLU D 185 -4.20 18.28 -19.39
C GLU D 185 -5.39 18.54 -18.45
N THR D 186 -6.09 17.50 -17.99
CA THR D 186 -7.25 17.74 -17.12
C THR D 186 -6.79 18.21 -15.74
N ALA D 187 -5.67 17.68 -15.24
CA ALA D 187 -5.11 18.12 -13.97
C ALA D 187 -4.59 19.56 -14.07
N LEU D 188 -4.02 19.92 -15.22
CA LEU D 188 -3.60 21.29 -15.48
C LEU D 188 -4.79 22.23 -15.32
N ILE D 189 -5.91 21.86 -15.94
CA ILE D 189 -7.11 22.67 -15.92
C ILE D 189 -7.61 22.81 -14.48
N GLU D 190 -7.62 21.72 -13.72
CA GLU D 190 -8.00 21.76 -12.31
C GLU D 190 -7.13 22.76 -11.55
N SER D 191 -5.81 22.73 -11.80
CA SER D 191 -4.88 23.61 -11.13
C SER D 191 -5.16 25.07 -11.50
N LEU D 192 -5.54 25.32 -12.77
CA LEU D 192 -5.87 26.66 -13.24
C LEU D 192 -7.13 27.18 -12.55
N GLU D 193 -8.02 26.27 -12.14
CA GLU D 193 -9.24 26.63 -11.44
C GLU D 193 -8.97 26.81 -9.94
N GLY D 194 -7.72 26.66 -9.51
CA GLY D 194 -7.33 26.92 -8.14
C GLY D 194 -7.50 25.70 -7.23
N LYS D 195 -7.51 24.50 -7.84
CA LYS D 195 -7.68 23.26 -7.10
C LYS D 195 -6.42 22.41 -7.19
N ARG D 196 -6.42 21.30 -6.44
CA ARG D 196 -5.39 20.28 -6.55
C ARG D 196 -5.40 19.72 -7.97
N GLY D 197 -4.20 19.40 -8.48
CA GLY D 197 -4.05 18.86 -9.82
C GLY D 197 -4.40 17.39 -9.89
N HIS D 198 -5.70 17.08 -9.74
CA HIS D 198 -6.24 15.75 -9.88
C HIS D 198 -6.82 15.60 -11.28
N PRO D 199 -6.33 14.66 -12.12
CA PRO D 199 -6.96 14.40 -13.42
C PRO D 199 -8.44 14.06 -13.32
N ARG D 200 -9.18 14.48 -14.35
CA ARG D 200 -10.58 14.15 -14.50
C ARG D 200 -10.71 12.95 -15.42
N LEU D 201 -11.75 12.14 -15.18
CA LEU D 201 -12.18 11.08 -16.06
C LEU D 201 -12.43 11.64 -17.46
N LYS D 202 -11.85 11.00 -18.47
CA LYS D 202 -12.03 11.32 -19.87
C LYS D 202 -12.57 10.08 -20.60
N PRO D 203 -13.52 10.21 -21.56
CA PRO D 203 -14.17 11.48 -21.90
C PRO D 203 -15.06 12.02 -20.77
N PRO D 204 -15.50 13.30 -20.83
CA PRO D 204 -15.20 14.20 -21.95
C PRO D 204 -13.78 14.76 -22.02
N TYR D 205 -13.36 15.10 -23.25
CA TYR D 205 -12.08 15.76 -23.46
C TYR D 205 -12.25 17.26 -23.20
N PRO D 206 -11.14 17.96 -22.86
CA PRO D 206 -11.16 19.42 -22.70
C PRO D 206 -11.83 20.22 -23.81
N VAL D 207 -11.67 19.76 -25.07
CA VAL D 207 -12.22 20.44 -26.23
C VAL D 207 -13.76 20.49 -26.16
N GLN D 208 -14.37 19.51 -25.49
N GLN D 208 -14.36 19.50 -25.49
CA GLN D 208 -15.80 19.55 -25.23
CA GLN D 208 -15.79 19.48 -25.24
C GLN D 208 -16.05 20.28 -23.93
C GLN D 208 -16.08 20.22 -23.93
N LYS D 209 -15.37 19.85 -22.87
CA LYS D 209 -15.57 20.42 -21.53
C LYS D 209 -14.22 20.51 -20.83
N GLY D 210 -13.78 21.74 -20.55
CA GLY D 210 -12.45 21.99 -20.03
C GLY D 210 -12.48 23.01 -18.90
N LEU D 211 -11.79 24.13 -19.09
CA LEU D 211 -11.70 25.19 -18.09
C LEU D 211 -13.09 25.81 -17.88
N TRP D 212 -13.54 25.81 -16.62
CA TRP D 212 -14.89 26.25 -16.23
C TRP D 212 -15.96 25.51 -17.04
N GLY D 213 -15.62 24.30 -17.51
CA GLY D 213 -16.56 23.47 -18.23
C GLY D 213 -16.73 23.88 -19.68
N LYS D 214 -15.85 24.77 -20.17
CA LYS D 214 -15.99 25.34 -21.50
C LYS D 214 -15.02 24.68 -22.47
N PRO D 215 -15.29 24.70 -23.79
CA PRO D 215 -14.37 24.16 -24.79
C PRO D 215 -12.98 24.76 -24.59
N THR D 216 -12.00 23.86 -24.43
CA THR D 216 -10.63 24.23 -24.10
C THR D 216 -9.67 23.41 -24.95
N VAL D 217 -8.78 24.09 -25.66
CA VAL D 217 -7.67 23.44 -26.33
C VAL D 217 -6.44 23.58 -25.44
N VAL D 218 -5.79 22.45 -25.13
CA VAL D 218 -4.49 22.43 -24.49
C VAL D 218 -3.46 21.96 -25.53
N ASN D 219 -2.42 22.77 -25.75
CA ASN D 219 -1.33 22.40 -26.64
C ASN D 219 0.01 22.62 -25.93
N ASN D 220 0.99 21.78 -26.30
CA ASN D 220 2.35 21.84 -25.79
C ASN D 220 3.08 23.05 -26.39
N VAL D 221 4.01 23.60 -25.61
CA VAL D 221 4.85 24.73 -26.01
C VAL D 221 5.39 24.54 -27.43
N GLU D 222 6.01 23.38 -27.69
CA GLU D 222 6.68 23.13 -28.96
C GLU D 222 5.66 23.08 -30.10
N THR D 223 4.51 22.45 -29.85
CA THR D 223 3.44 22.39 -30.85
C THR D 223 3.09 23.80 -31.31
N ILE D 224 2.93 24.71 -30.34
CA ILE D 224 2.46 26.07 -30.59
C ILE D 224 3.52 26.87 -31.34
N ALA D 225 4.80 26.65 -31.02
CA ALA D 225 5.91 27.33 -31.67
C ALA D 225 5.99 26.99 -33.16
N ASN D 226 5.31 25.93 -33.61
CA ASN D 226 5.25 25.58 -35.03
C ASN D 226 4.26 26.44 -35.79
N VAL D 227 3.24 26.98 -35.10
CA VAL D 227 2.11 27.62 -35.75
C VAL D 227 2.53 28.86 -36.54
N PRO D 228 3.38 29.77 -36.02
CA PRO D 228 3.87 30.90 -36.81
C PRO D 228 4.53 30.49 -38.13
N PHE D 229 5.25 29.35 -38.12
CA PHE D 229 5.92 28.86 -39.31
C PHE D 229 4.89 28.41 -40.35
N ILE D 230 3.82 27.75 -39.90
CA ILE D 230 2.82 27.23 -40.83
C ILE D 230 2.15 28.40 -41.55
N ILE D 231 1.81 29.46 -40.82
CA ILE D 231 1.13 30.61 -41.41
C ILE D 231 2.11 31.39 -42.29
N SER D 232 3.34 31.57 -41.79
CA SER D 232 4.37 32.34 -42.47
C SER D 232 4.74 31.70 -43.81
N MET D 233 5.00 30.39 -43.81
CA MET D 233 5.49 29.68 -44.99
C MET D 233 4.34 29.21 -45.86
N GLY D 234 3.16 29.01 -45.26
CA GLY D 234 2.09 28.23 -45.88
C GLY D 234 2.25 26.75 -45.54
N TRP D 235 1.16 25.98 -45.60
CA TRP D 235 1.19 24.61 -45.10
C TRP D 235 1.99 23.71 -46.04
N GLU D 236 1.99 24.01 -47.34
CA GLU D 236 2.67 23.17 -48.31
C GLU D 236 4.19 23.26 -48.11
N GLU D 237 4.72 24.48 -47.91
CA GLU D 237 6.14 24.67 -47.71
C GLU D 237 6.56 24.06 -46.38
N TYR D 238 5.69 24.15 -45.37
CA TYR D 238 5.94 23.53 -44.07
C TYR D 238 6.10 22.01 -44.25
N ARG D 239 5.30 21.42 -45.15
CA ARG D 239 5.28 19.98 -45.34
C ARG D 239 6.49 19.46 -46.10
N TYR D 240 7.23 20.35 -46.77
CA TYR D 240 8.41 19.96 -47.53
C TYR D 240 9.60 19.71 -46.61
N ILE D 241 9.52 20.16 -45.35
CA ILE D 241 10.55 19.93 -44.36
C ILE D 241 10.44 18.51 -43.83
N GLY D 242 11.51 17.73 -44.01
CA GLY D 242 11.60 16.39 -43.46
C GLY D 242 10.80 15.38 -44.29
N PRO D 243 10.45 14.21 -43.72
CA PRO D 243 9.68 13.20 -44.45
C PRO D 243 8.25 13.68 -44.70
N SER D 244 7.69 13.24 -45.82
CA SER D 244 6.37 13.68 -46.24
C SER D 244 5.29 13.22 -45.24
N ASP D 245 5.52 12.08 -44.58
CA ASP D 245 4.58 11.57 -43.59
C ASP D 245 4.64 12.36 -42.29
N TYR D 246 5.85 12.60 -41.76
CA TYR D 246 6.02 13.26 -40.48
C TYR D 246 6.82 14.54 -40.67
N ALA D 247 6.13 15.63 -41.05
CA ALA D 247 6.80 16.82 -41.54
C ALA D 247 6.96 17.85 -40.42
N GLY D 248 7.95 18.72 -40.61
CA GLY D 248 8.17 19.84 -39.72
C GLY D 248 9.41 19.64 -38.85
N PRO D 249 9.90 20.71 -38.19
CA PRO D 249 11.03 20.60 -37.27
C PRO D 249 10.59 19.89 -35.99
N LYS D 250 11.54 19.19 -35.37
CA LYS D 250 11.32 18.58 -34.08
C LYS D 250 12.53 18.83 -33.19
N LEU D 251 12.27 19.10 -31.90
CA LEU D 251 13.32 19.31 -30.90
C LEU D 251 13.58 17.99 -30.18
N PHE D 252 14.86 17.65 -30.05
CA PHE D 252 15.30 16.44 -29.38
C PHE D 252 16.24 16.79 -28.23
N PRO D 253 15.76 16.71 -26.97
CA PRO D 253 16.64 16.92 -25.81
C PRO D 253 17.45 15.65 -25.57
N VAL D 254 18.77 15.76 -25.72
CA VAL D 254 19.67 14.62 -25.59
C VAL D 254 20.54 14.82 -24.35
N SER D 255 20.58 13.78 -23.50
CA SER D 255 21.28 13.82 -22.23
C SER D 255 21.85 12.45 -21.92
N GLY D 256 22.55 12.36 -20.78
CA GLY D 256 23.27 11.15 -20.42
C GLY D 256 24.68 11.18 -21.02
N LYS D 257 25.18 10.00 -21.33
CA LYS D 257 26.59 9.80 -21.63
C LYS D 257 26.86 10.09 -23.11
N VAL D 258 26.61 11.33 -23.55
CA VAL D 258 26.97 11.77 -24.89
C VAL D 258 27.98 12.90 -24.76
N LYS D 259 28.75 13.14 -25.82
CA LYS D 259 29.80 14.15 -25.79
C LYS D 259 29.19 15.54 -25.81
N LYS D 260 28.08 15.72 -26.53
CA LYS D 260 27.46 17.02 -26.72
C LYS D 260 25.99 16.97 -26.29
N PRO D 261 25.69 16.88 -24.98
CA PRO D 261 24.30 16.86 -24.53
C PRO D 261 23.65 18.21 -24.81
N GLY D 262 22.36 18.20 -25.17
CA GLY D 262 21.61 19.42 -25.44
C GLY D 262 20.40 19.16 -26.32
N VAL D 263 19.83 20.26 -26.85
CA VAL D 263 18.62 20.20 -27.66
C VAL D 263 19.00 20.34 -29.14
N TYR D 264 18.55 19.39 -29.97
CA TYR D 264 18.81 19.40 -31.39
C TYR D 264 17.51 19.56 -32.17
N GLU D 265 17.51 20.53 -33.09
CA GLU D 265 16.40 20.72 -34.01
C GLU D 265 16.73 19.98 -35.30
N LEU D 266 15.94 18.93 -35.59
CA LEU D 266 16.24 17.99 -36.65
C LEU D 266 14.93 17.55 -37.31
N PRO D 267 14.98 17.10 -38.59
CA PRO D 267 13.80 16.49 -39.24
C PRO D 267 13.55 15.11 -38.63
N MET D 268 12.31 14.64 -38.71
CA MET D 268 11.91 13.44 -37.98
C MET D 268 12.31 12.16 -38.73
N ASN D 269 12.86 12.28 -39.94
CA ASN D 269 13.43 11.13 -40.61
C ASN D 269 14.85 10.83 -40.11
N THR D 270 15.42 11.68 -39.24
CA THR D 270 16.68 11.35 -38.57
C THR D 270 16.48 10.07 -37.76
N THR D 271 17.49 9.19 -37.74
CA THR D 271 17.44 7.99 -36.91
C THR D 271 17.97 8.32 -35.52
N LEU D 272 17.66 7.46 -34.54
CA LEU D 272 18.16 7.57 -33.18
C LEU D 272 19.69 7.47 -33.16
N ARG D 273 20.24 6.58 -34.00
CA ARG D 273 21.68 6.43 -34.11
C ARG D 273 22.30 7.77 -34.54
N GLU D 274 21.67 8.44 -35.51
CA GLU D 274 22.18 9.71 -36.01
C GLU D 274 22.12 10.77 -34.91
N VAL D 275 21.03 10.81 -34.15
CA VAL D 275 20.91 11.76 -33.05
C VAL D 275 22.13 11.63 -32.13
N ILE D 276 22.46 10.40 -31.75
CA ILE D 276 23.51 10.14 -30.78
C ILE D 276 24.90 10.36 -31.38
N PHE D 277 25.16 9.77 -32.55
CA PHE D 277 26.52 9.66 -33.07
C PHE D 277 26.85 10.80 -34.02
N LYS D 278 25.90 11.17 -34.89
CA LYS D 278 26.13 12.21 -35.88
C LYS D 278 26.02 13.60 -35.26
N TYR D 279 25.01 13.85 -34.40
CA TYR D 279 24.75 15.19 -33.90
C TYR D 279 25.31 15.40 -32.50
N ALA D 280 25.12 14.44 -31.58
CA ALA D 280 25.52 14.62 -30.20
C ALA D 280 26.96 14.15 -29.95
N GLY D 281 27.68 13.75 -31.00
CA GLY D 281 29.12 13.55 -30.91
C GLY D 281 29.51 12.15 -30.42
N GLY D 282 28.55 11.23 -30.38
CA GLY D 282 28.79 9.89 -29.87
C GLY D 282 28.84 9.87 -28.35
N THR D 283 29.38 8.80 -27.78
CA THR D 283 29.33 8.58 -26.34
C THR D 283 30.60 9.08 -25.67
N LEU D 284 30.51 9.37 -24.37
CA LEU D 284 31.67 9.66 -23.54
C LEU D 284 32.58 8.44 -23.50
N GLY D 285 33.88 8.66 -23.74
CA GLY D 285 34.86 7.59 -23.74
C GLY D 285 34.68 6.63 -24.90
N ASN D 286 33.80 6.96 -25.86
CA ASN D 286 33.45 6.11 -26.98
C ASN D 286 33.03 4.74 -26.50
N LYS D 287 32.32 4.69 -25.36
CA LYS D 287 31.78 3.45 -24.85
C LYS D 287 30.56 3.04 -25.66
N LYS D 288 30.22 1.75 -25.60
CA LYS D 288 29.08 1.21 -26.30
C LYS D 288 27.79 1.75 -25.69
N VAL D 289 26.82 2.09 -26.54
CA VAL D 289 25.46 2.39 -26.09
C VAL D 289 24.84 1.11 -25.55
N LYS D 290 24.33 1.16 -24.32
CA LYS D 290 23.62 0.03 -23.74
C LYS D 290 22.12 0.19 -23.99
N ALA D 291 21.59 1.37 -23.67
CA ALA D 291 20.16 1.60 -23.79
C ALA D 291 19.87 3.09 -23.96
N VAL D 292 18.69 3.38 -24.51
CA VAL D 292 18.17 4.73 -24.56
C VAL D 292 16.81 4.74 -23.86
N PHE D 293 16.69 5.62 -22.85
CA PHE D 293 15.42 5.87 -22.19
C PHE D 293 14.73 7.03 -22.90
N SER D 294 13.55 6.76 -23.45
CA SER D 294 12.68 7.79 -23.99
C SER D 294 11.95 8.44 -22.82
N GLY D 295 12.63 9.39 -22.18
CA GLY D 295 12.16 9.94 -20.93
C GLY D 295 11.92 8.83 -19.91
N ALA D 296 10.71 8.79 -19.35
CA ALA D 296 10.32 7.75 -18.42
C ALA D 296 9.26 6.84 -19.06
N LEU D 297 9.19 6.83 -20.39
CA LEU D 297 8.13 6.14 -21.10
C LEU D 297 8.59 4.78 -21.64
N ASP D 298 9.71 4.78 -22.40
CA ASP D 298 10.15 3.60 -23.12
C ASP D 298 11.65 3.40 -22.94
N CYS D 299 12.09 2.16 -23.17
CA CYS D 299 13.49 1.79 -23.17
C CYS D 299 13.81 1.10 -24.49
N PHE D 300 14.77 1.66 -25.23
CA PHE D 300 15.25 1.06 -26.46
C PHE D 300 16.66 0.49 -26.24
N SER D 301 16.88 -0.73 -26.75
CA SER D 301 18.17 -1.38 -26.66
C SER D 301 19.09 -0.89 -27.79
N SER D 302 20.35 -1.34 -27.77
CA SER D 302 21.32 -1.00 -28.80
C SER D 302 20.94 -1.60 -30.16
N GLU D 303 20.13 -2.65 -30.17
N GLU D 303 20.11 -2.64 -30.17
CA GLU D 303 19.66 -3.28 -31.39
CA GLU D 303 19.67 -3.27 -31.41
C GLU D 303 18.61 -2.44 -32.11
C GLU D 303 18.65 -2.39 -32.13
N GLU D 304 18.10 -1.39 -31.45
CA GLU D 304 17.00 -0.59 -31.98
C GLU D 304 17.41 0.86 -32.30
N LEU D 305 18.69 1.12 -32.57
CA LEU D 305 19.15 2.49 -32.73
C LEU D 305 18.82 3.05 -34.12
N ASP D 306 18.38 2.19 -35.05
CA ASP D 306 18.16 2.62 -36.42
C ASP D 306 16.70 3.00 -36.67
N ILE D 307 15.90 3.16 -35.61
CA ILE D 307 14.52 3.55 -35.78
C ILE D 307 14.46 5.05 -36.08
N PRO D 308 13.50 5.50 -36.92
CA PRO D 308 13.29 6.93 -37.16
C PRO D 308 12.71 7.63 -35.93
N MET D 309 13.04 8.93 -35.81
CA MET D 309 12.60 9.73 -34.68
C MET D 309 11.25 10.37 -35.02
N ASP D 310 10.24 9.54 -35.33
CA ASP D 310 8.96 10.01 -35.85
C ASP D 310 7.82 9.39 -35.05
N TYR D 311 6.57 9.63 -35.51
CA TYR D 311 5.37 9.15 -34.84
C TYR D 311 4.80 7.91 -35.54
N SER D 312 5.65 7.18 -36.26
CA SER D 312 5.23 5.94 -36.92
C SER D 312 5.13 4.84 -35.87
N PRO D 313 4.46 3.70 -36.16
CA PRO D 313 4.39 2.58 -35.21
C PRO D 313 5.76 2.06 -34.76
N LEU D 314 6.73 2.03 -35.68
CA LEU D 314 8.07 1.53 -35.39
C LEU D 314 9.04 2.68 -35.10
N GLY D 315 8.52 3.90 -34.95
CA GLY D 315 9.35 5.07 -34.70
C GLY D 315 9.61 5.27 -33.21
N PHE D 316 10.44 6.28 -32.89
CA PHE D 316 10.81 6.59 -31.52
C PHE D 316 9.62 7.12 -30.74
N GLY D 317 8.91 8.09 -31.33
CA GLY D 317 7.70 8.64 -30.75
C GLY D 317 7.99 9.46 -29.49
N GLY D 318 7.00 9.49 -28.58
CA GLY D 318 7.11 10.23 -27.34
C GLY D 318 7.29 11.72 -27.59
N THR D 319 8.19 12.34 -26.81
CA THR D 319 8.54 13.74 -26.97
C THR D 319 9.91 13.89 -27.62
N GLY D 320 10.50 12.78 -28.09
CA GLY D 320 11.84 12.80 -28.68
C GLY D 320 12.94 12.98 -27.63
N THR D 321 12.65 12.60 -26.37
CA THR D 321 13.62 12.71 -25.28
C THR D 321 14.57 11.52 -25.37
N VAL D 322 15.88 11.80 -25.44
CA VAL D 322 16.90 10.78 -25.60
C VAL D 322 17.85 10.82 -24.42
N ILE D 323 17.68 9.87 -23.48
CA ILE D 323 18.63 9.68 -22.39
C ILE D 323 19.48 8.46 -22.73
N VAL D 324 20.79 8.66 -22.87
CA VAL D 324 21.70 7.60 -23.31
C VAL D 324 22.40 7.00 -22.10
N LEU D 325 22.35 5.66 -22.01
CA LEU D 325 23.13 4.88 -21.06
C LEU D 325 24.17 4.07 -21.81
N THR D 326 25.40 3.98 -21.26
CA THR D 326 26.45 3.18 -21.87
C THR D 326 26.58 1.84 -21.14
N GLU D 327 27.48 1.01 -21.67
CA GLU D 327 27.77 -0.35 -21.22
C GLU D 327 28.04 -0.41 -19.71
N GLU D 328 28.61 0.66 -19.16
CA GLU D 328 29.02 0.71 -17.76
C GLU D 328 27.83 0.91 -16.83
N ASP D 329 26.71 1.45 -17.34
CA ASP D 329 25.61 1.92 -16.50
C ASP D 329 24.67 0.76 -16.14
N ASP D 330 24.27 0.72 -14.87
CA ASP D 330 23.46 -0.38 -14.34
C ASP D 330 21.98 -0.15 -14.67
N ILE D 331 21.38 -1.11 -15.39
CA ILE D 331 20.01 -0.97 -15.88
C ILE D 331 19.02 -1.05 -14.71
N VAL D 332 19.35 -1.80 -13.66
CA VAL D 332 18.45 -1.94 -12.53
C VAL D 332 18.43 -0.63 -11.73
N GLU D 333 19.62 -0.04 -11.54
CA GLU D 333 19.77 1.26 -10.89
C GLU D 333 18.96 2.32 -11.63
N ALA D 334 19.04 2.30 -12.97
CA ALA D 334 18.31 3.26 -13.79
C ALA D 334 16.81 3.05 -13.66
N ALA D 335 16.37 1.79 -13.71
CA ALA D 335 14.97 1.44 -13.55
C ALA D 335 14.44 1.91 -12.20
N LEU D 336 15.27 1.83 -11.16
CA LEU D 336 14.90 2.30 -9.83
C LEU D 336 14.61 3.80 -9.84
N LYS D 337 15.47 4.56 -10.52
CA LYS D 337 15.26 6.00 -10.65
C LYS D 337 13.90 6.28 -11.29
N ILE D 338 13.54 5.52 -12.32
CA ILE D 338 12.25 5.68 -12.99
C ILE D 338 11.10 5.32 -12.04
N ALA D 339 11.25 4.23 -11.26
CA ALA D 339 10.23 3.83 -10.31
C ALA D 339 10.03 4.92 -9.25
N GLU D 340 11.14 5.50 -8.76
CA GLU D 340 11.09 6.55 -7.76
C GLU D 340 10.34 7.77 -8.30
N PHE D 341 10.57 8.09 -9.58
CA PHE D 341 9.85 9.17 -10.23
C PHE D 341 8.34 8.93 -10.12
N TYR D 342 7.86 7.76 -10.57
CA TYR D 342 6.43 7.50 -10.59
C TYR D 342 5.86 7.43 -9.18
N GLU D 343 6.65 6.91 -8.23
CA GLU D 343 6.28 6.91 -6.83
C GLU D 343 5.95 8.34 -6.37
N HIS D 344 6.78 9.29 -6.79
CA HIS D 344 6.68 10.66 -6.31
C HIS D 344 5.57 11.44 -7.02
N GLU D 345 5.07 10.95 -8.16
CA GLU D 345 4.21 11.77 -9.00
C GLU D 345 2.76 11.25 -9.08
N THR D 346 2.49 10.00 -8.69
CA THR D 346 1.11 9.53 -8.60
C THR D 346 0.31 10.44 -7.68
N CYS D 347 -0.90 10.81 -8.12
CA CYS D 347 -1.73 11.75 -7.38
C CYS D 347 -2.56 11.04 -6.32
N GLY D 348 -2.64 9.71 -6.40
CA GLY D 348 -3.25 8.90 -5.34
C GLY D 348 -4.74 8.66 -5.56
N GLN D 349 -5.36 9.30 -6.56
CA GLN D 349 -6.80 9.19 -6.79
C GLN D 349 -7.21 7.74 -7.00
N CYS D 350 -6.45 7.00 -7.82
CA CYS D 350 -6.77 5.62 -8.17
C CYS D 350 -5.94 4.69 -7.29
N THR D 351 -6.54 3.61 -6.81
CA THR D 351 -5.94 2.75 -5.80
C THR D 351 -4.79 1.93 -6.39
N PRO D 352 -4.94 1.25 -7.54
CA PRO D 352 -3.82 0.48 -8.11
C PRO D 352 -2.61 1.35 -8.49
N CYS D 353 -2.88 2.54 -9.01
CA CYS D 353 -1.81 3.49 -9.31
C CYS D 353 -1.11 3.93 -8.01
N ARG D 354 -1.92 4.33 -7.02
CA ARG D 354 -1.41 4.82 -5.75
C ARG D 354 -0.49 3.78 -5.13
N VAL D 355 -1.00 2.55 -4.95
CA VAL D 355 -0.25 1.55 -4.22
C VAL D 355 0.80 0.92 -5.14
N GLY D 356 0.45 0.74 -6.43
CA GLY D 356 1.34 0.16 -7.41
C GLY D 356 2.63 0.97 -7.60
N CYS D 357 2.50 2.30 -7.75
CA CYS D 357 3.68 3.13 -7.94
C CYS D 357 4.56 3.08 -6.70
N TYR D 358 3.93 3.07 -5.52
CA TYR D 358 4.66 3.03 -4.27
C TYR D 358 5.39 1.70 -4.12
N GLU D 359 4.70 0.57 -4.36
CA GLU D 359 5.28 -0.75 -4.14
C GLU D 359 6.35 -1.05 -5.18
N GLN D 360 6.12 -0.63 -6.43
CA GLN D 360 7.10 -0.85 -7.49
C GLN D 360 8.45 -0.27 -7.05
N ALA D 361 8.45 0.98 -6.57
CA ALA D 361 9.67 1.64 -6.12
C ALA D 361 10.24 0.98 -4.88
N ASN D 362 9.36 0.65 -3.92
CA ASN D 362 9.79 0.12 -2.64
C ASN D 362 10.42 -1.26 -2.81
N LEU D 363 9.76 -2.13 -3.59
CA LEU D 363 10.27 -3.48 -3.82
C LEU D 363 11.54 -3.43 -4.67
N LEU D 364 11.58 -2.55 -5.68
CA LEU D 364 12.72 -2.47 -6.59
C LEU D 364 13.97 -2.02 -5.83
N GLU D 365 13.80 -1.13 -4.84
CA GLU D 365 14.91 -0.70 -4.00
C GLU D 365 15.45 -1.88 -3.19
N LYS D 366 14.56 -2.73 -2.67
CA LYS D 366 14.96 -3.92 -1.95
C LYS D 366 15.75 -4.85 -2.89
N ILE D 367 15.25 -5.02 -4.12
CA ILE D 367 15.95 -5.82 -5.13
C ILE D 367 17.33 -5.23 -5.36
N TYR D 368 17.39 -3.91 -5.55
CA TYR D 368 18.63 -3.22 -5.87
C TYR D 368 19.63 -3.40 -4.74
N LYS D 369 19.17 -3.36 -3.48
CA LYS D 369 20.06 -3.42 -2.33
C LYS D 369 20.36 -4.85 -1.89
N GLY D 370 19.75 -5.85 -2.55
CA GLY D 370 20.00 -7.25 -2.23
C GLY D 370 19.26 -7.72 -0.98
N GLU D 371 18.15 -7.05 -0.63
CA GLU D 371 17.37 -7.38 0.55
C GLU D 371 16.06 -8.09 0.18
N ALA D 372 15.80 -8.26 -1.13
CA ALA D 372 14.51 -8.76 -1.60
C ALA D 372 14.39 -10.27 -1.33
N THR D 373 13.24 -10.67 -0.76
CA THR D 373 12.91 -12.08 -0.61
C THR D 373 12.36 -12.58 -1.95
N GLU D 374 12.15 -13.90 -2.01
CA GLU D 374 11.50 -14.53 -3.15
C GLU D 374 10.11 -13.91 -3.35
N GLN D 375 9.39 -13.67 -2.24
CA GLN D 375 8.04 -13.13 -2.34
C GLN D 375 8.08 -11.71 -2.86
N ASP D 376 9.14 -10.97 -2.52
CA ASP D 376 9.34 -9.61 -2.98
C ASP D 376 9.48 -9.57 -4.50
N TRP D 377 10.23 -10.53 -5.07
CA TRP D 377 10.42 -10.60 -6.52
C TRP D 377 9.09 -10.86 -7.23
N GLU D 378 8.31 -11.80 -6.71
CA GLU D 378 7.01 -12.16 -7.29
C GLU D 378 6.07 -10.97 -7.20
N GLY D 379 6.11 -10.28 -6.05
CA GLY D 379 5.28 -9.11 -5.81
C GLY D 379 5.62 -7.98 -6.77
N PHE D 380 6.92 -7.74 -6.96
CA PHE D 380 7.39 -6.70 -7.86
C PHE D 380 6.85 -6.98 -9.26
N ASP D 381 7.01 -8.22 -9.73
CA ASP D 381 6.51 -8.58 -11.04
C ASP D 381 5.02 -8.29 -11.12
N PHE D 382 4.30 -8.68 -10.05
CA PHE D 382 2.85 -8.55 -10.01
C PHE D 382 2.45 -7.07 -10.03
N VAL D 383 3.02 -6.26 -9.14
CA VAL D 383 2.59 -4.87 -9.02
C VAL D 383 2.91 -4.13 -10.32
N ASN D 384 4.07 -4.44 -10.92
CA ASN D 384 4.48 -3.80 -12.17
C ASN D 384 3.42 -4.02 -13.26
N ARG D 385 2.77 -5.19 -13.27
N ARG D 385 2.76 -5.19 -13.26
CA ARG D 385 1.77 -5.52 -14.27
CA ARG D 385 1.78 -5.50 -14.28
C ARG D 385 0.40 -4.94 -13.91
C ARG D 385 0.38 -5.00 -13.89
N ASN D 386 0.25 -4.39 -12.71
CA ASN D 386 -1.07 -4.08 -12.16
C ASN D 386 -1.13 -2.66 -11.58
N ILE D 387 -0.40 -1.71 -12.18
CA ILE D 387 -0.53 -0.31 -11.82
C ILE D 387 -1.74 0.30 -12.53
N GLN D 388 -2.04 -0.21 -13.74
CA GLN D 388 -2.96 0.41 -14.68
C GLN D 388 -4.44 0.23 -14.33
N PRO D 389 -4.91 -0.92 -13.79
CA PRO D 389 -6.35 -1.13 -13.60
C PRO D 389 -7.08 0.02 -12.90
N THR D 390 -8.19 0.47 -13.51
CA THR D 390 -9.09 1.51 -13.02
C THR D 390 -8.49 2.90 -13.13
N SER D 391 -7.30 3.04 -13.73
CA SER D 391 -6.62 4.33 -13.78
C SER D 391 -7.44 5.35 -14.60
N ILE D 392 -7.44 6.60 -14.12
CA ILE D 392 -8.17 7.69 -14.77
C ILE D 392 -7.31 8.31 -15.88
N CYS D 393 -5.99 8.34 -15.72
CA CYS D 393 -5.12 9.12 -16.59
C CYS D 393 -3.93 8.31 -17.07
N GLY D 394 -3.15 8.91 -17.97
CA GLY D 394 -2.07 8.24 -18.67
C GLY D 394 -0.96 7.71 -17.76
N LEU D 395 -0.75 8.33 -16.59
CA LEU D 395 0.38 7.99 -15.72
C LEU D 395 0.26 6.54 -15.26
N GLY D 396 -0.93 6.17 -14.77
CA GLY D 396 -1.21 4.81 -14.34
C GLY D 396 -0.92 3.79 -15.44
N ALA D 397 -1.22 4.19 -16.69
CA ALA D 397 -1.06 3.32 -17.85
C ALA D 397 0.40 3.10 -18.21
N VAL D 398 1.29 4.03 -17.86
CA VAL D 398 2.67 3.96 -18.36
C VAL D 398 3.66 3.72 -17.22
N ALA D 399 3.25 3.80 -15.95
CA ALA D 399 4.19 3.79 -14.84
C ALA D 399 5.03 2.50 -14.78
N GLY D 400 4.53 1.41 -15.36
CA GLY D 400 5.25 0.15 -15.35
C GLY D 400 5.89 -0.20 -16.68
N ARG D 401 5.71 0.67 -17.69
CA ARG D 401 6.03 0.37 -19.08
C ARG D 401 7.53 0.25 -19.31
N LEU D 402 8.27 1.31 -19.00
CA LEU D 402 9.70 1.35 -19.21
C LEU D 402 10.36 0.19 -18.45
N ILE D 403 9.96 0.02 -17.19
CA ILE D 403 10.55 -0.99 -16.33
C ILE D 403 10.27 -2.39 -16.89
N ARG D 404 9.05 -2.62 -17.39
CA ARG D 404 8.72 -3.90 -18.00
C ARG D 404 9.64 -4.16 -19.20
N GLN D 405 9.92 -3.11 -19.97
CA GLN D 405 10.75 -3.23 -21.16
C GLN D 405 12.19 -3.59 -20.77
N THR D 406 12.69 -3.08 -19.64
CA THR D 406 14.04 -3.42 -19.20
C THR D 406 14.10 -4.89 -18.80
N LEU D 407 13.02 -5.39 -18.17
CA LEU D 407 12.94 -6.78 -17.77
C LEU D 407 13.03 -7.68 -18.99
N GLU D 408 12.36 -7.27 -20.07
CA GLU D 408 12.30 -8.08 -21.27
C GLU D 408 13.60 -7.97 -22.06
N LYS D 409 14.18 -6.76 -22.13
CA LYS D 409 15.31 -6.51 -23.02
C LYS D 409 16.65 -6.78 -22.35
N PHE D 410 16.71 -6.71 -21.01
CA PHE D 410 17.95 -6.94 -20.28
C PHE D 410 17.74 -7.98 -19.18
N PRO D 411 17.28 -9.22 -19.52
CA PRO D 411 17.01 -10.24 -18.51
C PRO D 411 18.24 -10.68 -17.71
N GLU D 412 19.41 -10.71 -18.38
CA GLU D 412 20.64 -11.19 -17.78
C GLU D 412 21.05 -10.31 -16.60
N GLU D 413 20.90 -8.99 -16.77
CA GLU D 413 21.34 -8.03 -15.77
C GLU D 413 20.40 -8.07 -14.56
N TRP D 414 19.10 -8.21 -14.82
CA TRP D 414 18.13 -8.43 -13.77
C TRP D 414 18.44 -9.74 -13.03
N GLU D 415 18.83 -10.77 -13.77
CA GLU D 415 19.14 -12.09 -13.23
C GLU D 415 20.22 -12.01 -12.15
N LYS D 416 21.24 -11.17 -12.36
CA LYS D 416 22.33 -11.04 -11.41
C LYS D 416 21.79 -10.62 -10.03
N TYR D 417 20.80 -9.72 -10.01
CA TYR D 417 20.21 -9.25 -8.77
C TYR D 417 19.41 -10.36 -8.09
N ARG D 418 18.74 -11.21 -8.88
CA ARG D 418 17.98 -12.33 -8.33
C ARG D 418 18.90 -13.27 -7.56
N LYS D 419 19.98 -13.71 -8.23
CA LYS D 419 20.90 -14.69 -7.68
C LYS D 419 21.60 -14.13 -6.45
N LYS D 420 22.12 -15.05 -5.62
CA LYS D 420 22.82 -14.71 -4.38
C LYS D 420 24.30 -15.05 -4.52
FE1 FES E . -15.63 -10.67 20.34
FE2 FES E . -15.38 -13.15 19.34
S1 FES E . -15.14 -12.51 21.43
S2 FES E . -16.09 -11.35 18.30
FE1 SF4 F . 1.41 -13.84 5.17
FE2 SF4 F . -0.76 -13.24 3.61
FE3 SF4 F . -0.17 -15.85 4.18
FE4 SF4 F . 1.45 -14.40 2.53
S1 SF4 F . -0.72 -14.98 2.13
S2 SF4 F . 2.12 -15.78 4.20
S3 SF4 F . 1.32 -12.32 3.49
S4 SF4 F . -0.80 -14.20 5.66
N1 FMN G . -6.15 -24.73 12.41
C2 FMN G . -6.42 -24.85 13.74
O2 FMN G . -6.62 -25.94 14.27
N3 FMN G . -6.53 -23.70 14.53
C4 FMN G . -6.37 -22.40 14.10
O4 FMN G . -6.50 -21.47 14.89
C4A FMN G . -6.08 -22.28 12.65
N5 FMN G . -5.86 -21.10 12.16
C5A FMN G . -5.53 -21.01 10.81
C6 FMN G . -5.25 -19.76 10.26
C7 FMN G . -4.93 -19.61 8.92
C7M FMN G . -4.65 -18.23 8.37
C8 FMN G . -4.88 -20.74 8.08
C8M FMN G . -4.57 -20.62 6.61
C9 FMN G . -5.13 -21.99 8.63
C9A FMN G . -5.45 -22.15 9.97
N10 FMN G . -5.69 -23.43 10.55
C10 FMN G . -5.99 -23.52 11.90
C1' FMN G . -5.56 -24.66 9.77
C2' FMN G . -4.21 -25.34 9.98
O2' FMN G . -3.23 -24.80 9.11
C3' FMN G . -4.32 -26.85 9.75
O3' FMN G . -5.04 -27.11 8.55
C4' FMN G . -4.98 -27.61 10.91
O4' FMN G . -4.47 -27.15 12.16
C5' FMN G . -4.74 -29.10 10.78
O5' FMN G . -5.50 -29.79 11.79
P FMN G . -6.80 -30.62 11.40
O1P FMN G . -7.92 -29.69 11.05
O2P FMN G . -6.38 -31.55 10.23
O3P FMN G . -7.05 -31.45 12.66
PA NAD H . -4.70 -27.37 3.59
O1A NAD H . -5.76 -27.81 2.64
O2A NAD H . -3.43 -26.81 3.03
O5B NAD H . -4.29 -28.59 4.54
C5B NAD H . -5.17 -29.14 5.54
C4B NAD H . -4.36 -30.13 6.33
O4B NAD H . -4.10 -31.28 5.49
C3B NAD H . -2.98 -29.62 6.79
O3B NAD H . -2.63 -30.16 8.06
C2B NAD H . -2.05 -30.13 5.69
O2B NAD H . -0.73 -30.34 6.14
C1B NAD H . -2.71 -31.46 5.32
N9A NAD H . -2.46 -31.85 3.94
C8A NAD H . -3.07 -31.34 2.82
N7A NAD H . -2.63 -31.88 1.70
C5A NAD H . -1.67 -32.80 2.12
C6A NAD H . -0.85 -33.69 1.41
N6A NAD H . -0.86 -33.81 0.08
N1A NAD H . 0.00 -34.47 2.13
C2A NAD H . 0.00 -34.35 3.46
N3A NAD H . -0.73 -33.54 4.23
C4A NAD H . -1.56 -32.78 3.50
O3 NAD H . -5.32 -26.32 4.63
PN NAD H . -4.65 -25.18 5.56
O1N NAD H . -4.04 -24.15 4.67
O2N NAD H . -3.77 -25.85 6.57
O5D NAD H . -5.92 -24.57 6.30
C5D NAD H . -6.87 -23.69 5.62
C4D NAD H . -8.16 -23.71 6.38
O4D NAD H . -8.01 -23.07 7.67
C3D NAD H . -9.35 -22.97 5.74
O3D NAD H . -10.15 -23.88 5.01
C2D NAD H . -10.11 -22.35 6.92
O2D NAD H . -11.41 -22.90 7.06
C1D NAD H . -9.30 -22.74 8.16
NA NA I . -14.61 -22.36 29.32
FE1 FES J . 18.37 16.09 -13.20
FE2 FES J . 16.81 16.16 -15.38
S1 FES J . 17.78 17.85 -14.37
S2 FES J . 17.56 14.39 -14.31
FE1 SF4 K . -3.70 9.99 -10.31
FE2 SF4 K . -2.47 7.66 -11.10
FE3 SF4 K . -3.58 9.33 -12.94
FE4 SF4 K . -5.17 7.91 -11.21
S1 SF4 K . -3.79 7.06 -12.84
S2 SF4 K . -5.42 10.12 -11.80
S3 SF4 K . -3.91 7.99 -9.32
S4 SF4 K . -1.81 9.79 -11.58
N1 FMN L . 1.93 17.56 -22.12
C2 FMN L . 2.72 18.68 -22.13
O2 FMN L . 2.69 19.50 -23.08
N3 FMN L . 3.59 18.91 -21.08
C4 FMN L . 3.73 18.11 -19.96
O4 FMN L . 4.52 18.43 -19.06
C4A FMN L . 2.87 16.93 -19.95
N5 FMN L . 2.88 16.15 -18.90
C5A FMN L . 2.01 15.07 -18.87
C6 FMN L . 2.00 14.25 -17.74
C7 FMN L . 1.16 13.15 -17.65
C7M FMN L . 1.20 12.28 -16.42
C8 FMN L . 0.31 12.85 -18.71
C8M FMN L . -0.58 11.63 -18.68
C9 FMN L . 0.29 13.68 -19.84
C9A FMN L . 1.14 14.79 -19.93
N10 FMN L . 1.15 15.65 -21.05
C10 FMN L . 2.00 16.74 -21.08
C1' FMN L . 0.25 15.48 -22.20
C2' FMN L . -0.98 16.37 -22.11
O2' FMN L . -1.96 15.75 -21.27
C3' FMN L . -1.57 16.69 -23.47
O3' FMN L . -1.66 15.50 -24.27
C4' FMN L . -0.81 17.75 -24.27
O4' FMN L . -0.49 18.89 -23.48
C5' FMN L . -1.59 18.16 -25.50
O5' FMN L . -0.76 19.05 -26.26
P FMN L . -0.16 18.55 -27.63
O1P FMN L . 0.91 17.51 -27.36
O2P FMN L . -1.33 17.97 -28.42
O3P FMN L . 0.33 19.81 -28.32
PA NAD M . -4.29 11.42 -25.14
O1A NAD M . -3.91 10.31 -26.06
O2A NAD M . -5.36 11.20 -24.14
O5B NAD M . -4.63 12.73 -26.02
C5B NAD M . -3.61 13.66 -26.50
C4B NAD M . -4.26 14.98 -26.83
O4B NAD M . -5.25 14.78 -27.87
C3B NAD M . -5.02 15.69 -25.69
O3B NAD M . -4.96 17.10 -25.82
C2B NAD M . -6.44 15.16 -25.87
O2B NAD M . -7.44 15.98 -25.32
C1B NAD M . -6.53 15.12 -27.39
N9A NAD M . -7.50 14.14 -27.89
C8A NAD M . -7.34 12.78 -27.93
N7A NAD M . -8.37 12.16 -28.43
C5A NAD M . -9.28 13.17 -28.73
C6A NAD M . -10.57 13.15 -29.29
N6A NAD M . -11.20 12.04 -29.65
N1A NAD M . -11.20 14.34 -29.45
C2A NAD M . -10.56 15.45 -29.07
N3A NAD M . -9.34 15.59 -28.54
C4A NAD M . -8.74 14.39 -28.39
O3 NAD M . -2.97 11.87 -24.32
PN NAD M . -2.69 12.31 -22.81
O1N NAD M . -3.20 11.25 -21.88
O2N NAD M . -3.15 13.71 -22.58
O5D NAD M . -1.10 12.26 -22.82
C5D NAD M . -0.46 10.95 -22.81
C4D NAD M . 0.96 11.09 -23.31
O4D NAD M . 1.70 11.89 -22.37
C3D NAD M . 1.76 9.79 -23.43
O3D NAD M . 1.67 9.29 -24.76
C2D NAD M . 3.20 10.19 -23.07
O2D NAD M . 4.07 10.12 -24.18
C1D NAD M . 3.07 11.66 -22.62
N1N NAD M . 3.81 11.99 -21.39
O6 BU3 N . 7.75 34.77 -36.38
C3 BU3 N . 9.00 34.21 -36.77
C4 BU3 N . 10.09 35.28 -36.79
C2 BU3 N . 8.78 33.47 -38.14
O5 BU3 N . 7.90 32.39 -37.92
C1 BU3 N . 10.07 32.99 -38.81
O6 BU3 O . -1.98 -5.43 -5.35
C3 BU3 O . -2.29 -4.10 -5.67
C4 BU3 O . -3.78 -3.84 -5.50
C2 BU3 O . -1.77 -3.82 -7.13
O5 BU3 O . -0.44 -4.26 -7.25
C1 BU3 O . -1.84 -2.35 -7.54
CL CL P . -6.69 47.04 -25.03
NA NA Q . 7.04 3.55 -29.01
NA NA R . 14.80 6.07 -2.61
#